data_2ORD
#
_entry.id   2ORD
#
_cell.length_a   90.948
_cell.length_b   95.628
_cell.length_c   96.089
_cell.angle_alpha   90.000
_cell.angle_beta   90.000
_cell.angle_gamma   90.000
#
_symmetry.space_group_name_H-M   'P 21 21 21'
#
loop_
_entity.id
_entity.type
_entity.pdbx_description
1 polymer 'Acetylornithine aminotransferase'
2 non-polymer "PYRIDOXAL-5'-PHOSPHATE"
3 non-polymer GLYCEROL
4 water water
#
_entity_poly.entity_id   1
_entity_poly.type   'polypeptide(L)'
_entity_poly.pdbx_seq_one_letter_code
;(MSE)GSDKIHHHHHH(MSE)YL(MSE)NTYSRFPATFVYGKGSWIYDEKGNAYLDFTSGIAVNVLGHSHPRLVEAIKDQ
AEKLIHCSNLFWNRPQ(MSE)ELAELLSKNTFGGKVFFANTGTEANEAAIKIARKYGKKKSEKKYRILSAHNSFHGRTLG
SLTATGQPKYQKPFEPLVPGFEYFEFNNVEDLRRK(MSE)SEDVCAVFLEPIQGESGIVPATKEFLEEARKLCDEYDALL
VFDEVQCG(MSE)GRTGKLFAYQKYGVVPDVLTTAKGLGGGVPIGAVIVNERANVLEPGDHGTTFGGNPLACRAGVTVIK
ELTKEGFLEEVEEKGNYL(MSE)KKLQE(MSE)KEEYDVVADVRG(MSE)GL(MSE)IGIQFREEVSNREVATKCFENKL
LVVPAGNNTIRFLPPLTVEYGEIDLAVETLKKVLQGI
;
_entity_poly.pdbx_strand_id   A,B
#
loop_
_chem_comp.id
_chem_comp.type
_chem_comp.name
_chem_comp.formula
GOL non-polymer GLYCEROL 'C3 H8 O3'
PLP non-polymer PYRIDOXAL-5'-PHOSPHATE 'C8 H10 N O6 P'
#
# COMPACT_ATOMS: atom_id res chain seq x y z
N LYS A 5 7.58 -0.22 -29.19
CA LYS A 5 6.68 0.99 -29.10
C LYS A 5 6.54 1.52 -27.67
N ILE A 6 6.27 0.63 -26.71
CA ILE A 6 6.12 1.06 -25.34
C ILE A 6 7.53 1.20 -24.75
N HIS A 7 7.96 2.46 -24.59
CA HIS A 7 9.32 2.79 -24.20
C HIS A 7 9.30 4.14 -23.49
N HIS A 8 10.21 4.34 -22.55
CA HIS A 8 10.28 5.61 -21.79
C HIS A 8 10.45 6.88 -22.64
N HIS A 9 11.01 6.78 -23.83
CA HIS A 9 11.16 7.98 -24.68
C HIS A 9 9.82 8.40 -25.31
N HIS A 10 8.82 7.54 -25.22
CA HIS A 10 7.55 7.70 -25.93
C HIS A 10 6.36 7.75 -24.97
N HIS A 11 6.44 7.03 -23.85
CA HIS A 11 5.31 6.88 -22.91
C HIS A 11 5.48 7.65 -21.59
N HIS A 12 6.61 8.33 -21.41
CA HIS A 12 6.78 9.17 -20.23
C HIS A 12 5.62 10.14 -20.00
N MSE A 13 4.99 10.59 -21.07
CA MSE A 13 4.02 11.68 -20.93
CA MSE A 13 3.99 11.66 -21.00
C MSE A 13 2.73 11.22 -20.26
O MSE A 13 1.93 12.05 -19.85
CB MSE A 13 3.69 12.31 -22.26
CB MSE A 13 3.62 12.19 -22.41
CG MSE A 13 2.79 11.52 -23.13
CG MSE A 13 2.35 11.57 -23.10
SE MSE A 13 3.66 10.17 -24.06
SE MSE A 13 2.41 11.34 -25.13
CE MSE A 13 4.88 11.24 -25.12
CE MSE A 13 0.56 11.33 -25.49
N TYR A 14 2.55 9.91 -20.09
CA TYR A 14 1.37 9.43 -19.34
C TYR A 14 1.55 9.33 -17.84
N LEU A 15 2.76 9.52 -17.34
CA LEU A 15 3.10 9.37 -15.93
C LEU A 15 3.40 10.76 -15.33
N MSE A 16 2.96 10.99 -14.11
CA MSE A 16 3.36 12.17 -13.36
C MSE A 16 4.85 12.16 -13.15
O MSE A 16 5.47 11.09 -13.01
CB MSE A 16 2.66 12.23 -12.00
CG MSE A 16 1.18 12.51 -12.09
SE MSE A 16 0.36 12.74 -10.35
CE MSE A 16 -1.02 11.95 -10.72
N ASN A 17 5.43 13.34 -13.06
CA ASN A 17 6.87 13.48 -12.97
C ASN A 17 7.34 13.44 -11.53
N THR A 18 7.16 12.27 -10.88
CA THR A 18 7.44 12.12 -9.46
C THR A 18 8.80 11.52 -9.17
N TYR A 19 9.47 11.00 -10.20
CA TYR A 19 10.75 10.30 -10.01
C TYR A 19 11.86 10.77 -10.94
N SER A 20 13.09 10.74 -10.42
CA SER A 20 14.29 10.84 -11.25
CA SER A 20 14.27 10.86 -11.27
CA SER A 20 14.30 10.85 -11.25
C SER A 20 14.71 9.42 -11.59
N ARG A 21 14.56 9.04 -12.84
CA ARG A 21 14.83 7.66 -13.25
C ARG A 21 16.07 7.54 -14.09
N PHE A 22 16.74 6.41 -14.01
CA PHE A 22 17.74 6.05 -15.02
C PHE A 22 17.01 5.79 -16.35
N PRO A 23 17.62 6.13 -17.49
CA PRO A 23 16.92 5.98 -18.77
C PRO A 23 16.95 4.55 -19.33
N ALA A 24 16.20 3.66 -18.68
CA ALA A 24 16.07 2.27 -19.13
C ALA A 24 14.64 1.78 -18.96
N THR A 25 14.21 1.00 -19.94
CA THR A 25 12.98 0.24 -19.86
C THR A 25 13.40 -1.19 -19.68
N PHE A 26 13.07 -1.79 -18.53
CA PHE A 26 13.45 -3.16 -18.21
C PHE A 26 12.26 -4.09 -18.41
N VAL A 27 12.52 -5.21 -19.07
CA VAL A 27 11.47 -6.11 -19.50
C VAL A 27 11.55 -7.55 -18.97
N TYR A 28 12.73 -7.93 -18.45
CA TYR A 28 12.96 -9.29 -18.00
C TYR A 28 14.09 -9.27 -17.00
N GLY A 29 14.02 -10.10 -15.98
CA GLY A 29 15.10 -10.25 -15.03
C GLY A 29 15.17 -11.64 -14.45
N LYS A 30 16.38 -12.08 -14.14
CA LYS A 30 16.59 -13.31 -13.36
C LYS A 30 17.78 -13.14 -12.47
N GLY A 31 17.61 -13.48 -11.19
CA GLY A 31 18.71 -13.42 -10.23
C GLY A 31 19.19 -11.98 -10.10
N SER A 32 20.49 -11.79 -10.27
CA SER A 32 21.13 -10.49 -10.09
C SER A 32 21.15 -9.68 -11.38
N TRP A 33 20.48 -10.15 -12.43
CA TRP A 33 20.58 -9.52 -13.74
C TRP A 33 19.23 -9.08 -14.25
N ILE A 34 19.21 -7.94 -14.93
CA ILE A 34 17.99 -7.40 -15.48
C ILE A 34 18.31 -6.87 -16.88
N TYR A 35 17.33 -7.01 -17.79
CA TYR A 35 17.55 -6.77 -19.21
C TYR A 35 16.62 -5.71 -19.76
N ASP A 36 17.18 -4.84 -20.60
CA ASP A 36 16.36 -3.85 -21.26
C ASP A 36 15.66 -4.47 -22.47
N GLU A 37 14.89 -3.66 -23.18
CA GLU A 37 14.12 -4.12 -24.34
C GLU A 37 14.98 -4.54 -25.53
N LYS A 38 16.25 -4.16 -25.52
CA LYS A 38 17.20 -4.57 -26.55
C LYS A 38 17.99 -5.81 -26.16
N GLY A 39 17.74 -6.33 -24.96
CA GLY A 39 18.47 -7.49 -24.47
C GLY A 39 19.81 -7.21 -23.83
N ASN A 40 20.11 -5.95 -23.54
CA ASN A 40 21.34 -5.62 -22.80
C ASN A 40 21.15 -6.03 -21.34
N ALA A 41 22.12 -6.72 -20.78
CA ALA A 41 22.08 -7.20 -19.40
C ALA A 41 22.81 -6.23 -18.46
N TYR A 42 22.16 -5.96 -17.34
CA TYR A 42 22.63 -5.07 -16.27
C TYR A 42 22.76 -5.87 -14.98
N LEU A 43 23.88 -5.66 -14.29
CA LEU A 43 24.11 -6.24 -12.98
C LEU A 43 23.37 -5.36 -11.96
N ASP A 44 22.38 -5.96 -11.31
CA ASP A 44 21.43 -5.21 -10.50
C ASP A 44 21.77 -5.26 -9.02
N PHE A 45 22.53 -4.27 -8.59
CA PHE A 45 22.86 -4.09 -7.18
C PHE A 45 21.93 -3.13 -6.49
N THR A 46 20.73 -2.96 -7.06
CA THR A 46 19.66 -2.23 -6.38
C THR A 46 18.68 -3.18 -5.64
N SER A 47 18.52 -4.39 -6.17
CA SER A 47 17.42 -5.32 -5.83
C SER A 47 16.06 -4.61 -5.76
N GLY A 48 15.84 -3.66 -6.66
CA GLY A 48 14.59 -2.91 -6.68
C GLY A 48 14.40 -2.06 -5.44
N ILE A 49 15.52 -1.61 -4.90
CA ILE A 49 15.66 -0.88 -3.63
C ILE A 49 15.37 -1.84 -2.47
N ALA A 50 16.22 -2.86 -2.37
CA ALA A 50 16.19 -3.82 -1.24
C ALA A 50 14.96 -4.70 -1.16
N VAL A 51 14.27 -4.89 -2.27
CA VAL A 51 13.08 -5.73 -2.35
C VAL A 51 13.33 -7.15 -2.84
N ASN A 52 14.13 -7.30 -3.88
CA ASN A 52 14.29 -8.59 -4.56
C ASN A 52 15.27 -9.48 -3.81
N VAL A 53 14.85 -9.92 -2.64
CA VAL A 53 15.73 -10.65 -1.71
C VAL A 53 16.29 -11.95 -2.32
N LEU A 54 15.50 -12.60 -3.18
CA LEU A 54 15.91 -13.82 -3.88
C LEU A 54 16.30 -13.58 -5.33
N GLY A 55 16.56 -12.33 -5.66
CA GLY A 55 16.81 -11.91 -7.02
C GLY A 55 15.54 -11.82 -7.84
N HIS A 56 15.67 -11.43 -9.10
CA HIS A 56 14.50 -11.36 -9.98
C HIS A 56 13.91 -12.73 -10.32
N SER A 57 12.57 -12.83 -10.24
CA SER A 57 11.83 -14.00 -10.72
C SER A 57 12.48 -15.34 -10.32
N HIS A 58 12.78 -15.46 -9.04
CA HIS A 58 13.37 -16.67 -8.48
C HIS A 58 12.41 -17.83 -8.75
N PRO A 59 12.92 -18.97 -9.23
CA PRO A 59 12.02 -20.05 -9.59
C PRO A 59 11.03 -20.55 -8.53
N ARG A 60 11.46 -20.62 -7.28
CA ARG A 60 10.55 -21.08 -6.21
C ARG A 60 9.50 -20.01 -5.93
N LEU A 61 9.86 -18.73 -6.01
CA LEU A 61 8.88 -17.67 -5.85
C LEU A 61 7.87 -17.69 -6.99
N VAL A 62 8.39 -17.78 -8.23
CA VAL A 62 7.53 -17.82 -9.41
C VAL A 62 6.56 -19.01 -9.34
N GLU A 63 7.05 -20.18 -8.93
CA GLU A 63 6.14 -21.32 -8.89
CA GLU A 63 6.21 -21.39 -8.79
C GLU A 63 5.04 -21.12 -7.83
N ALA A 64 5.36 -20.50 -6.69
CA ALA A 64 4.34 -20.26 -5.65
C ALA A 64 3.32 -19.24 -6.11
N ILE A 65 3.77 -18.21 -6.81
CA ILE A 65 2.88 -17.19 -7.34
C ILE A 65 1.90 -17.83 -8.34
N LYS A 66 2.44 -18.63 -9.25
CA LYS A 66 1.64 -19.25 -10.27
C LYS A 66 0.61 -20.18 -9.64
N ASP A 67 1.07 -20.98 -8.69
CA ASP A 67 0.20 -21.94 -8.02
C ASP A 67 -0.96 -21.21 -7.31
N GLN A 68 -0.60 -20.17 -6.56
CA GLN A 68 -1.60 -19.48 -5.77
C GLN A 68 -2.58 -18.72 -6.67
N ALA A 69 -2.07 -18.10 -7.73
CA ALA A 69 -2.95 -17.33 -8.61
C ALA A 69 -4.01 -18.24 -9.23
N GLU A 70 -3.66 -19.50 -9.46
CA GLU A 70 -4.62 -20.47 -9.99
C GLU A 70 -5.67 -20.89 -8.96
N LYS A 71 -5.39 -20.68 -7.68
CA LYS A 71 -6.28 -21.13 -6.63
C LYS A 71 -7.18 -20.01 -6.07
N LEU A 72 -6.55 -18.95 -5.59
CA LEU A 72 -7.26 -17.84 -4.91
C LEU A 72 -6.31 -16.67 -4.76
N ILE A 73 -6.69 -15.52 -5.35
CA ILE A 73 -5.87 -14.33 -5.32
C ILE A 73 -6.26 -13.42 -4.15
N HIS A 74 -7.57 -13.20 -3.96
CA HIS A 74 -8.08 -12.20 -3.03
C HIS A 74 -9.47 -12.60 -2.58
N CYS A 75 -9.65 -12.62 -1.26
CA CYS A 75 -10.97 -12.84 -0.67
C CYS A 75 -11.42 -11.75 0.30
N SER A 76 -10.51 -10.87 0.68
CA SER A 76 -10.68 -9.86 1.77
C SER A 76 -10.59 -10.42 3.19
N ASN A 77 -10.42 -9.49 4.14
CA ASN A 77 -10.37 -9.82 5.54
C ASN A 77 -11.76 -9.98 6.20
N LEU A 78 -12.82 -10.08 5.40
CA LEU A 78 -14.07 -10.64 5.89
C LEU A 78 -13.89 -12.09 6.30
N PHE A 79 -12.90 -12.77 5.71
CA PHE A 79 -12.69 -14.20 5.87
C PHE A 79 -11.24 -14.49 6.24
N TRP A 80 -10.95 -15.75 6.53
CA TRP A 80 -9.56 -16.20 6.79
C TRP A 80 -9.01 -16.91 5.55
N ASN A 81 -7.70 -16.81 5.32
CA ASN A 81 -7.06 -17.55 4.22
C ASN A 81 -5.77 -18.20 4.75
N ARG A 82 -5.37 -19.31 4.12
CA ARG A 82 -4.26 -20.11 4.65
C ARG A 82 -2.89 -19.44 4.54
N PRO A 83 -2.56 -18.85 3.40
CA PRO A 83 -1.28 -18.16 3.35
C PRO A 83 -1.14 -17.06 4.42
N GLN A 84 -2.20 -16.30 4.66
CA GLN A 84 -2.07 -15.23 5.67
CA GLN A 84 -2.14 -15.25 5.69
C GLN A 84 -1.83 -15.84 7.06
N MSE A 85 -2.52 -16.92 7.39
CA MSE A 85 -2.35 -17.54 8.67
C MSE A 85 -0.97 -18.18 8.79
O MSE A 85 -0.30 -18.04 9.83
CB MSE A 85 -3.46 -18.56 8.89
CG MSE A 85 -4.83 -17.88 9.10
SE MSE A 85 -6.25 -19.07 9.61
CE MSE A 85 -6.49 -19.93 8.17
N GLU A 86 -0.51 -18.82 7.74
CA GLU A 86 0.83 -19.44 7.75
C GLU A 86 1.92 -18.39 7.86
N LEU A 87 1.81 -17.31 7.09
CA LEU A 87 2.81 -16.29 7.18
C LEU A 87 2.84 -15.61 8.54
N ALA A 88 1.68 -15.34 9.12
CA ALA A 88 1.64 -14.78 10.47
C ALA A 88 2.37 -15.69 11.49
N GLU A 89 2.09 -16.99 11.40
CA GLU A 89 2.79 -17.98 12.25
CA GLU A 89 2.78 -18.00 12.22
C GLU A 89 4.30 -17.91 12.04
N LEU A 90 4.74 -17.91 10.78
CA LEU A 90 6.17 -17.88 10.48
C LEU A 90 6.85 -16.58 10.95
N LEU A 91 6.19 -15.46 10.75
CA LEU A 91 6.75 -14.19 11.25
C LEU A 91 6.83 -14.17 12.76
N SER A 92 5.80 -14.66 13.44
CA SER A 92 5.76 -14.67 14.89
C SER A 92 6.88 -15.58 15.45
N LYS A 93 6.99 -16.78 14.88
CA LYS A 93 7.94 -17.78 15.37
C LYS A 93 9.39 -17.40 15.12
N ASN A 94 9.63 -16.64 14.07
CA ASN A 94 11.00 -16.25 13.66
C ASN A 94 11.40 -14.87 14.18
N THR A 95 10.51 -14.26 14.97
CA THR A 95 10.85 -13.00 15.64
C THR A 95 10.72 -13.18 17.13
N PHE A 96 10.01 -12.27 17.80
CA PHE A 96 9.86 -12.31 19.27
C PHE A 96 8.51 -12.89 19.72
N GLY A 97 7.79 -13.58 18.83
CA GLY A 97 6.61 -14.35 19.19
C GLY A 97 5.30 -13.58 19.34
N GLY A 98 5.15 -12.49 18.65
CA GLY A 98 3.92 -11.70 18.83
C GLY A 98 2.86 -11.94 17.79
N LYS A 99 2.00 -10.94 17.62
CA LYS A 99 0.88 -11.01 16.69
C LYS A 99 1.12 -10.09 15.53
N VAL A 100 0.51 -10.45 14.41
CA VAL A 100 0.80 -9.78 13.13
C VAL A 100 -0.41 -9.08 12.55
N PHE A 101 -0.17 -7.94 11.90
CA PHE A 101 -1.14 -7.27 11.04
C PHE A 101 -0.47 -7.10 9.67
N PHE A 102 -1.18 -7.54 8.64
CA PHE A 102 -0.71 -7.37 7.28
C PHE A 102 -1.18 -6.10 6.63
N ALA A 103 -0.23 -5.34 6.14
CA ALA A 103 -0.46 -4.19 5.28
C ALA A 103 0.09 -4.52 3.88
N ASN A 104 0.25 -3.50 3.01
CA ASN A 104 0.69 -3.76 1.64
C ASN A 104 2.04 -3.14 1.29
N THR A 105 2.50 -2.20 2.13
CA THR A 105 3.69 -1.42 1.85
C THR A 105 4.36 -1.02 3.16
N GLY A 106 5.60 -0.54 3.06
CA GLY A 106 6.30 -0.04 4.23
C GLY A 106 5.63 1.13 4.89
N THR A 107 5.23 2.13 4.10
CA THR A 107 4.58 3.28 4.71
C THR A 107 3.28 2.88 5.43
N GLU A 108 2.52 1.96 4.84
CA GLU A 108 1.31 1.49 5.49
C GLU A 108 1.59 0.75 6.78
N ALA A 109 2.64 -0.06 6.80
CA ALA A 109 3.07 -0.73 8.02
C ALA A 109 3.39 0.26 9.12
N ASN A 110 4.08 1.34 8.75
CA ASN A 110 4.46 2.36 9.73
C ASN A 110 3.25 3.16 10.19
N GLU A 111 2.30 3.37 9.30
CA GLU A 111 1.04 4.01 9.70
C GLU A 111 0.29 3.16 10.75
N ALA A 112 0.21 1.86 10.53
CA ALA A 112 -0.37 0.95 11.53
C ALA A 112 0.39 1.07 12.85
N ALA A 113 1.70 1.10 12.79
CA ALA A 113 2.51 1.28 14.01
C ALA A 113 2.21 2.57 14.78
N ILE A 114 2.12 3.67 14.04
CA ILE A 114 1.74 4.94 14.63
C ILE A 114 0.40 4.85 15.34
N LYS A 115 -0.57 4.21 14.69
CA LYS A 115 -1.90 4.09 15.23
C LYS A 115 -1.90 3.19 16.48
N ILE A 116 -1.15 2.09 16.46
CA ILE A 116 -0.97 1.22 17.62
C ILE A 116 -0.39 2.02 18.80
N ALA A 117 0.65 2.79 18.54
CA ALA A 117 1.30 3.61 19.58
C ALA A 117 0.33 4.64 20.15
N ARG A 118 -0.45 5.28 19.29
CA ARG A 118 -1.42 6.28 19.78
C ARG A 118 -2.48 5.60 20.65
N LYS A 119 -2.99 4.46 20.21
CA LYS A 119 -4.03 3.79 21.01
C LYS A 119 -3.45 3.33 22.35
N TYR A 120 -2.23 2.82 22.33
CA TYR A 120 -1.55 2.40 23.55
C TYR A 120 -1.42 3.57 24.52
N GLY A 121 -0.99 4.72 24.03
CA GLY A 121 -0.75 5.86 24.90
C GLY A 121 -2.03 6.43 25.47
N LYS A 122 -3.05 6.51 24.61
CA LYS A 122 -4.34 7.11 24.99
C LYS A 122 -5.07 6.35 26.06
N LYS A 123 -4.83 5.05 26.14
CA LYS A 123 -5.33 4.27 27.26
C LYS A 123 -4.81 4.76 28.60
N LYS A 124 -3.59 5.32 28.65
CA LYS A 124 -2.99 5.80 29.89
CA LYS A 124 -3.02 5.79 29.91
C LYS A 124 -3.36 7.26 30.14
N SER A 125 -3.32 8.06 29.09
CA SER A 125 -3.54 9.48 29.24
C SER A 125 -3.86 10.12 27.90
N GLU A 126 -4.76 11.10 27.91
CA GLU A 126 -5.10 11.85 26.70
CA GLU A 126 -5.10 11.84 26.70
C GLU A 126 -3.93 12.66 26.15
N LYS A 127 -2.95 12.95 26.98
CA LYS A 127 -1.78 13.72 26.56
C LYS A 127 -0.66 12.85 25.96
N LYS A 128 -0.78 11.53 26.12
CA LYS A 128 0.32 10.60 25.77
C LYS A 128 0.16 10.15 24.32
N TYR A 129 0.40 11.11 23.42
CA TYR A 129 0.29 10.87 21.99
C TYR A 129 1.55 11.33 21.25
N ARG A 130 2.58 11.75 21.96
CA ARG A 130 3.78 12.27 21.33
CA ARG A 130 3.76 12.27 21.31
C ARG A 130 4.60 11.11 20.77
N ILE A 131 5.24 11.33 19.64
CA ILE A 131 6.06 10.32 18.99
C ILE A 131 7.39 10.96 18.66
N LEU A 132 8.46 10.25 18.98
CA LEU A 132 9.80 10.69 18.63
C LEU A 132 10.37 9.81 17.52
N SER A 133 11.04 10.49 16.59
CA SER A 133 11.78 9.82 15.53
C SER A 133 13.07 10.58 15.25
N ALA A 134 13.96 9.98 14.45
CA ALA A 134 15.27 10.56 14.25
C ALA A 134 15.32 11.57 13.12
N HIS A 135 16.12 12.61 13.31
CA HIS A 135 16.53 13.44 12.17
C HIS A 135 17.11 12.53 11.10
N ASN A 136 16.77 12.83 9.83
CA ASN A 136 17.25 12.07 8.67
C ASN A 136 16.66 10.68 8.50
N SER A 137 15.73 10.32 9.37
CA SER A 137 15.02 9.06 9.21
C SER A 137 14.15 9.08 7.97
N PHE A 138 13.75 7.90 7.54
CA PHE A 138 12.77 7.78 6.46
C PHE A 138 11.82 6.65 6.80
N HIS A 139 10.54 6.98 6.95
CA HIS A 139 9.51 6.05 7.37
C HIS A 139 8.33 5.93 6.40
N GLY A 140 8.33 6.74 5.36
CA GLY A 140 7.32 6.66 4.32
C GLY A 140 6.70 8.01 3.98
N ARG A 141 5.82 7.97 2.98
CA ARG A 141 5.32 9.15 2.28
C ARG A 141 3.86 9.51 2.53
N THR A 142 3.08 8.58 3.09
CA THR A 142 1.70 8.88 3.50
C THR A 142 1.79 9.79 4.72
N LEU A 143 0.75 10.56 5.05
CA LEU A 143 0.99 11.69 5.96
C LEU A 143 1.40 11.36 7.40
N GLY A 144 0.99 10.21 7.93
CA GLY A 144 1.48 9.80 9.25
C GLY A 144 2.98 9.49 9.17
N SER A 145 3.33 8.62 8.25
CA SER A 145 4.72 8.21 8.09
C SER A 145 5.61 9.37 7.70
N LEU A 146 5.05 10.30 6.95
CA LEU A 146 5.80 11.46 6.50
C LEU A 146 6.11 12.39 7.66
N THR A 147 5.21 12.44 8.63
CA THR A 147 5.49 13.25 9.83
C THR A 147 6.61 12.58 10.67
N ALA A 148 6.63 11.26 10.70
CA ALA A 148 7.70 10.50 11.37
C ALA A 148 9.05 10.66 10.63
N THR A 149 8.99 10.77 9.32
CA THR A 149 10.18 10.96 8.49
C THR A 149 10.84 12.28 8.84
N GLY A 150 12.07 12.23 9.37
CA GLY A 150 12.73 13.42 9.91
C GLY A 150 13.50 14.21 8.87
N GLN A 151 12.80 14.59 7.80
CA GLN A 151 13.39 15.27 6.66
C GLN A 151 12.48 16.36 6.12
N PRO A 152 12.71 17.59 6.58
CA PRO A 152 11.87 18.72 6.18
C PRO A 152 11.61 18.86 4.68
N LYS A 153 12.57 18.52 3.84
CA LYS A 153 12.39 18.73 2.40
C LYS A 153 11.20 17.93 1.87
N TYR A 154 10.98 16.75 2.42
CA TYR A 154 9.84 15.90 2.03
C TYR A 154 8.52 16.32 2.67
N GLN A 155 8.58 17.12 3.74
CA GLN A 155 7.40 17.52 4.50
C GLN A 155 6.82 18.85 4.09
N LYS A 156 7.69 19.80 3.77
CA LYS A 156 7.28 21.21 3.70
C LYS A 156 6.09 21.52 2.78
N PRO A 157 6.06 20.96 1.56
CA PRO A 157 4.94 21.27 0.66
C PRO A 157 3.59 20.81 1.19
N PHE A 158 3.61 19.89 2.15
CA PHE A 158 2.39 19.22 2.54
C PHE A 158 1.90 19.59 3.92
N GLU A 159 2.59 20.50 4.57
CA GLU A 159 2.19 20.98 5.88
C GLU A 159 0.84 21.70 5.85
N PRO A 160 0.12 21.71 6.98
CA PRO A 160 0.48 21.12 8.28
C PRO A 160 0.36 19.61 8.35
N LEU A 161 1.33 18.98 9.00
CA LEU A 161 1.34 17.52 9.17
C LEU A 161 0.78 17.12 10.53
N VAL A 162 0.96 15.86 10.93
CA VAL A 162 0.32 15.36 12.16
C VAL A 162 0.98 16.01 13.39
N PRO A 163 0.19 16.62 14.29
CA PRO A 163 0.81 17.18 15.48
C PRO A 163 1.39 16.11 16.41
N GLY A 164 2.33 16.52 17.24
CA GLY A 164 2.85 15.68 18.31
C GLY A 164 4.11 14.88 18.00
N PHE A 165 4.80 15.21 16.91
CA PHE A 165 6.04 14.51 16.58
C PHE A 165 7.22 15.44 16.87
N GLU A 166 8.28 14.85 17.43
CA GLU A 166 9.52 15.58 17.70
CA GLU A 166 9.52 15.57 17.72
C GLU A 166 10.70 14.71 17.28
N TYR A 167 11.83 15.34 17.02
CA TYR A 167 12.96 14.66 16.40
C TYR A 167 14.21 14.75 17.26
N PHE A 168 15.02 13.70 17.20
CA PHE A 168 16.27 13.62 17.94
C PHE A 168 17.40 13.18 16.99
N GLU A 169 18.63 13.43 17.40
CA GLU A 169 19.78 13.00 16.61
C GLU A 169 20.05 11.52 16.76
N PHE A 170 20.07 10.82 15.63
CA PHE A 170 20.40 9.40 15.60
C PHE A 170 21.77 9.19 16.21
N ASN A 171 21.84 8.16 17.04
CA ASN A 171 23.04 7.74 17.73
C ASN A 171 23.49 8.67 18.85
N ASN A 172 22.67 9.65 19.20
CA ASN A 172 23.00 10.58 20.28
C ASN A 172 22.14 10.25 21.47
N VAL A 173 22.72 9.49 22.39
CA VAL A 173 22.01 9.00 23.55
C VAL A 173 21.34 10.10 24.37
N GLU A 174 22.11 11.14 24.64
CA GLU A 174 21.64 12.23 25.49
C GLU A 174 20.54 13.05 24.81
N ASP A 175 20.61 13.20 23.49
CA ASP A 175 19.58 13.95 22.78
C ASP A 175 18.24 13.18 22.80
N LEU A 176 18.32 11.87 22.62
CA LEU A 176 17.12 11.06 22.74
C LEU A 176 16.57 11.16 24.18
N ARG A 177 17.45 11.00 25.17
CA ARG A 177 17.00 10.95 26.55
C ARG A 177 16.30 12.24 26.94
N ARG A 178 16.88 13.36 26.52
CA ARG A 178 16.35 14.64 26.95
C ARG A 178 15.01 14.99 26.28
N LYS A 179 14.69 14.34 25.17
CA LYS A 179 13.39 14.53 24.52
C LYS A 179 12.29 13.60 25.04
N MSE A 180 12.64 12.62 25.87
CA MSE A 180 11.63 11.73 26.45
C MSE A 180 10.79 12.44 27.49
O MSE A 180 11.28 13.34 28.18
CB MSE A 180 12.25 10.51 27.12
CG MSE A 180 13.03 9.63 26.22
SE MSE A 180 11.97 8.76 24.88
CE MSE A 180 10.92 7.65 26.00
N SER A 181 9.54 12.06 27.59
CA SER A 181 8.67 12.45 28.68
C SER A 181 7.58 11.41 28.80
N GLU A 182 6.79 11.54 29.85
CA GLU A 182 5.68 10.63 30.09
C GLU A 182 4.59 10.78 29.02
N ASP A 183 4.63 11.88 28.24
CA ASP A 183 3.68 12.09 27.17
C ASP A 183 4.07 11.38 25.85
N VAL A 184 5.24 10.74 25.82
CA VAL A 184 5.67 10.00 24.63
C VAL A 184 5.03 8.62 24.61
N CYS A 185 4.38 8.27 23.49
CA CYS A 185 3.81 6.93 23.36
C CYS A 185 4.68 5.99 22.53
N ALA A 186 5.59 6.54 21.73
CA ALA A 186 6.53 5.70 20.92
C ALA A 186 7.77 6.44 20.51
N VAL A 187 8.83 5.65 20.32
CA VAL A 187 10.09 6.07 19.72
C VAL A 187 10.25 5.21 18.50
N PHE A 188 10.38 5.85 17.34
CA PHE A 188 10.61 5.14 16.07
C PHE A 188 12.09 5.21 15.70
N LEU A 189 12.64 4.06 15.30
CA LEU A 189 14.04 3.97 14.82
C LEU A 189 14.21 2.96 13.71
N GLU A 190 14.95 3.34 12.67
CA GLU A 190 15.57 2.35 11.78
C GLU A 190 16.84 1.83 12.45
N PRO A 191 16.94 0.52 12.71
CA PRO A 191 18.22 0.02 13.25
C PRO A 191 19.45 0.41 12.41
N ILE A 192 19.27 0.45 11.08
CA ILE A 192 20.26 1.06 10.19
C ILE A 192 19.50 2.04 9.33
N GLN A 193 19.84 3.34 9.38
CA GLN A 193 19.16 4.32 8.52
C GLN A 193 19.56 4.04 7.08
N GLY A 194 18.59 4.13 6.19
CA GLY A 194 18.79 3.74 4.79
C GLY A 194 18.94 4.94 3.89
N GLU A 195 17.84 5.66 3.69
CA GLU A 195 17.80 6.80 2.76
C GLU A 195 18.82 7.88 3.08
N SER A 196 19.18 8.00 4.36
CA SER A 196 20.13 8.99 4.81
C SER A 196 21.56 8.65 4.43
N GLY A 197 21.80 7.44 3.94
CA GLY A 197 23.13 7.01 3.54
C GLY A 197 23.79 5.81 4.24
N ILE A 198 22.97 4.89 4.72
CA ILE A 198 23.41 3.69 5.43
C ILE A 198 24.20 4.04 6.68
N VAL A 199 23.48 4.27 7.77
CA VAL A 199 24.08 4.65 9.02
C VAL A 199 23.60 3.69 10.09
N PRO A 200 24.42 2.69 10.43
CA PRO A 200 24.04 1.78 11.50
C PRO A 200 23.94 2.48 12.87
N ALA A 201 22.94 2.06 13.65
CA ALA A 201 22.86 2.47 15.06
C ALA A 201 24.04 1.82 15.77
N THR A 202 24.50 2.45 16.83
CA THR A 202 25.40 1.76 17.73
C THR A 202 24.52 0.88 18.61
N LYS A 203 25.08 -0.21 19.13
CA LYS A 203 24.34 -1.06 20.07
C LYS A 203 23.95 -0.28 21.33
N GLU A 204 24.87 0.56 21.81
CA GLU A 204 24.59 1.39 22.97
C GLU A 204 23.33 2.25 22.78
N PHE A 205 23.24 2.89 21.61
CA PHE A 205 22.11 3.72 21.29
C PHE A 205 20.77 2.94 21.29
N LEU A 206 20.73 1.77 20.65
CA LEU A 206 19.54 0.98 20.68
C LEU A 206 19.19 0.47 22.10
N GLU A 207 20.22 0.08 22.85
CA GLU A 207 20.01 -0.36 24.23
C GLU A 207 19.41 0.76 25.09
N GLU A 208 19.89 1.99 24.87
CA GLU A 208 19.33 3.18 25.53
C GLU A 208 17.89 3.44 25.18
N ALA A 209 17.57 3.37 23.89
CA ALA A 209 16.19 3.57 23.45
C ALA A 209 15.25 2.54 24.13
N ARG A 210 15.72 1.31 24.28
CA ARG A 210 14.92 0.27 24.94
C ARG A 210 14.68 0.59 26.41
N LYS A 211 15.74 0.99 27.12
CA LYS A 211 15.61 1.38 28.51
C LYS A 211 14.68 2.56 28.68
N LEU A 212 14.84 3.57 27.82
CA LEU A 212 13.98 4.76 27.91
C LEU A 212 12.52 4.44 27.68
N CYS A 213 12.23 3.63 26.66
CA CYS A 213 10.86 3.26 26.38
C CYS A 213 10.25 2.51 27.59
N ASP A 214 11.05 1.67 28.22
CA ASP A 214 10.60 0.98 29.44
C ASP A 214 10.34 1.98 30.57
N GLU A 215 11.26 2.93 30.76
CA GLU A 215 11.12 3.91 31.88
C GLU A 215 9.96 4.87 31.72
N TYR A 216 9.69 5.29 30.49
CA TYR A 216 8.64 6.29 30.20
C TYR A 216 7.34 5.66 29.66
N ASP A 217 7.29 4.32 29.68
CA ASP A 217 6.13 3.55 29.21
C ASP A 217 5.73 3.96 27.78
N ALA A 218 6.72 3.89 26.88
CA ALA A 218 6.52 4.13 25.47
C ALA A 218 6.86 2.85 24.70
N LEU A 219 6.29 2.73 23.51
CA LEU A 219 6.61 1.62 22.63
C LEU A 219 7.86 1.90 21.82
N LEU A 220 8.77 0.93 21.79
CA LEU A 220 9.93 1.02 20.94
C LEU A 220 9.53 0.36 19.63
N VAL A 221 9.59 1.14 18.54
CA VAL A 221 9.20 0.67 17.22
C VAL A 221 10.45 0.64 16.34
N PHE A 222 10.81 -0.55 15.87
CA PHE A 222 11.87 -0.69 14.88
C PHE A 222 11.28 -0.82 13.48
N ASP A 223 11.65 0.13 12.64
CA ASP A 223 11.32 0.13 11.23
C ASP A 223 12.43 -0.67 10.52
N GLU A 224 12.12 -1.91 10.19
CA GLU A 224 13.02 -2.77 9.45
C GLU A 224 12.50 -3.01 8.03
N VAL A 225 11.81 -2.01 7.49
CA VAL A 225 11.38 -2.11 6.08
C VAL A 225 12.58 -2.30 5.14
N GLN A 226 13.66 -1.58 5.37
CA GLN A 226 14.85 -1.68 4.51
C GLN A 226 15.88 -2.67 5.00
N CYS A 227 16.15 -2.69 6.31
CA CYS A 227 17.21 -3.57 6.81
C CYS A 227 16.74 -4.98 7.19
N GLY A 228 15.44 -5.26 7.08
CA GLY A 228 14.89 -6.53 7.51
C GLY A 228 14.93 -7.61 6.43
N MSE A 229 14.31 -8.74 6.76
CA MSE A 229 14.18 -9.90 5.89
C MSE A 229 15.53 -10.36 5.31
O MSE A 229 15.72 -10.54 4.11
CB MSE A 229 13.08 -9.66 4.87
CG MSE A 229 11.57 -9.66 5.50
SE MSE A 229 11.14 -11.11 6.46
CE MSE A 229 10.99 -12.33 5.07
N GLY A 230 16.48 -10.57 6.24
CA GLY A 230 17.74 -11.28 5.97
C GLY A 230 18.93 -10.42 5.62
N ARG A 231 18.72 -9.15 5.29
CA ARG A 231 19.77 -8.39 4.63
C ARG A 231 21.01 -8.16 5.51
N THR A 232 20.84 -8.09 6.83
CA THR A 232 21.98 -7.87 7.72
C THR A 232 22.77 -9.15 8.04
N GLY A 233 22.26 -10.32 7.61
CA GLY A 233 22.82 -11.61 8.00
C GLY A 233 22.05 -12.33 9.09
N LYS A 234 21.09 -11.64 9.71
CA LYS A 234 20.09 -12.29 10.52
C LYS A 234 18.75 -11.92 9.89
N LEU A 235 17.69 -12.58 10.28
CA LEU A 235 16.40 -12.29 9.64
C LEU A 235 16.05 -10.81 9.83
N PHE A 236 16.29 -10.29 11.03
CA PHE A 236 16.07 -8.89 11.34
C PHE A 236 17.28 -8.33 12.06
N ALA A 237 17.61 -7.10 11.75
CA ALA A 237 18.71 -6.39 12.37
C ALA A 237 18.65 -6.40 13.87
N TYR A 238 17.44 -6.30 14.44
CA TYR A 238 17.34 -6.29 15.91
C TYR A 238 17.97 -7.56 16.50
N GLN A 239 17.95 -8.66 15.75
CA GLN A 239 18.53 -9.92 16.21
C GLN A 239 20.07 -9.88 16.19
N LYS A 240 20.65 -9.09 15.30
CA LYS A 240 22.10 -8.84 15.29
C LYS A 240 22.49 -7.98 16.48
N TYR A 241 21.66 -7.00 16.79
CA TYR A 241 21.96 -6.11 17.90
C TYR A 241 21.63 -6.67 19.27
N GLY A 242 20.71 -7.62 19.33
CA GLY A 242 20.21 -8.15 20.59
C GLY A 242 19.35 -7.15 21.38
N VAL A 243 18.61 -6.29 20.68
CA VAL A 243 17.69 -5.35 21.34
C VAL A 243 16.31 -5.60 20.75
N VAL A 244 15.33 -5.95 21.59
CA VAL A 244 14.00 -6.39 21.12
C VAL A 244 13.00 -5.23 21.20
N PRO A 245 12.38 -4.87 20.07
CA PRO A 245 11.40 -3.80 20.13
C PRO A 245 10.03 -4.28 20.62
N ASP A 246 9.12 -3.35 20.93
CA ASP A 246 7.71 -3.71 21.15
C ASP A 246 6.96 -3.97 19.84
N VAL A 247 7.32 -3.20 18.81
CA VAL A 247 6.67 -3.22 17.52
C VAL A 247 7.75 -3.28 16.45
N LEU A 248 7.58 -4.16 15.46
CA LEU A 248 8.51 -4.24 14.36
C LEU A 248 7.75 -4.09 13.07
N THR A 249 8.22 -3.24 12.14
CA THR A 249 7.59 -3.13 10.85
C THR A 249 8.56 -3.68 9.79
N THR A 250 7.96 -4.26 8.75
CA THR A 250 8.70 -4.96 7.70
C THR A 250 7.90 -4.76 6.39
N ALA A 251 8.60 -4.73 5.26
CA ALA A 251 7.95 -4.76 3.94
C ALA A 251 9.06 -5.12 2.95
N LYS A 252 9.17 -4.38 1.84
CA LYS A 252 10.24 -4.60 0.85
C LYS A 252 10.51 -6.06 0.58
N GLY A 253 11.58 -6.63 1.12
CA GLY A 253 11.97 -8.02 0.81
C GLY A 253 11.01 -9.11 1.31
N LEU A 254 10.09 -8.76 2.21
CA LEU A 254 9.10 -9.71 2.72
C LEU A 254 8.41 -10.56 1.63
N GLY A 255 8.08 -9.93 0.50
CA GLY A 255 7.38 -10.59 -0.61
C GLY A 255 8.24 -10.96 -1.79
N GLY A 256 9.54 -10.68 -1.67
CA GLY A 256 10.49 -10.93 -2.77
C GLY A 256 10.19 -10.27 -4.11
N GLY A 257 9.41 -9.19 -4.06
CA GLY A 257 8.92 -8.53 -5.26
C GLY A 257 7.43 -8.26 -5.24
N VAL A 258 6.66 -9.09 -4.57
CA VAL A 258 5.21 -8.93 -4.50
C VAL A 258 4.92 -7.95 -3.36
N PRO A 259 4.05 -6.95 -3.59
CA PRO A 259 3.81 -5.94 -2.54
C PRO A 259 3.18 -6.56 -1.30
N ILE A 260 3.79 -6.29 -0.15
CA ILE A 260 3.30 -6.75 1.15
C ILE A 260 4.05 -5.95 2.21
N GLY A 261 3.39 -5.72 3.33
CA GLY A 261 4.01 -5.14 4.53
C GLY A 261 3.42 -5.82 5.75
N ALA A 262 4.09 -5.69 6.89
CA ALA A 262 3.56 -6.29 8.11
C ALA A 262 4.07 -5.52 9.33
N VAL A 263 3.26 -5.60 10.37
CA VAL A 263 3.61 -5.11 11.70
CA VAL A 263 3.65 -5.12 11.68
C VAL A 263 3.48 -6.29 12.65
N ILE A 264 4.47 -6.44 13.53
CA ILE A 264 4.51 -7.49 14.50
C ILE A 264 4.56 -6.81 15.87
N VAL A 265 3.67 -7.22 16.79
CA VAL A 265 3.59 -6.59 18.11
C VAL A 265 3.74 -7.63 19.21
N ASN A 266 4.36 -7.24 20.32
CA ASN A 266 4.27 -8.04 21.53
C ASN A 266 2.92 -7.85 22.21
N GLU A 267 2.67 -8.55 23.31
CA GLU A 267 1.33 -8.44 23.90
C GLU A 267 1.05 -7.07 24.49
N ARG A 268 2.10 -6.42 24.99
CA ARG A 268 1.98 -5.06 25.49
C ARG A 268 1.37 -4.12 24.45
N ALA A 269 1.83 -4.27 23.22
CA ALA A 269 1.39 -3.42 22.12
C ALA A 269 0.19 -3.94 21.34
N ASN A 270 -0.40 -5.05 21.80
CA ASN A 270 -1.52 -5.67 21.09
C ASN A 270 -2.82 -5.00 21.53
N VAL A 271 -3.05 -3.78 21.05
CA VAL A 271 -4.11 -2.90 21.57
C VAL A 271 -5.27 -2.63 20.62
N LEU A 272 -5.13 -3.04 19.37
CA LEU A 272 -6.17 -2.76 18.39
C LEU A 272 -7.33 -3.74 18.59
N GLU A 273 -8.53 -3.23 18.34
CA GLU A 273 -9.77 -3.98 18.42
CA GLU A 273 -9.73 -4.04 18.40
C GLU A 273 -10.45 -3.94 17.06
N PRO A 274 -11.41 -4.84 16.82
CA PRO A 274 -12.08 -4.85 15.55
C PRO A 274 -12.67 -3.48 15.18
N GLY A 275 -12.37 -3.04 13.98
CA GLY A 275 -12.80 -1.75 13.47
C GLY A 275 -11.79 -0.64 13.61
N ASP A 276 -10.77 -0.83 14.47
CA ASP A 276 -9.77 0.24 14.70
C ASP A 276 -8.90 0.51 13.48
N HIS A 277 -8.62 -0.52 12.69
CA HIS A 277 -7.72 -0.39 11.58
C HIS A 277 -7.97 -1.58 10.66
N GLY A 278 -7.59 -1.44 9.41
CA GLY A 278 -7.81 -2.52 8.43
C GLY A 278 -7.37 -2.06 7.06
N THR A 279 -7.51 -2.96 6.08
CA THR A 279 -7.06 -2.75 4.72
C THR A 279 -7.78 -3.78 3.85
N THR A 280 -8.14 -3.36 2.64
CA THR A 280 -8.81 -4.26 1.69
C THR A 280 -7.83 -5.35 1.22
N PHE A 281 -6.70 -4.92 0.72
CA PHE A 281 -5.78 -5.84 0.09
C PHE A 281 -4.85 -6.53 1.06
N GLY A 282 -4.58 -5.92 2.22
CA GLY A 282 -3.59 -6.46 3.11
C GLY A 282 -3.92 -7.86 3.61
N GLY A 283 -2.96 -8.75 3.52
CA GLY A 283 -3.20 -10.13 3.98
C GLY A 283 -3.76 -11.06 2.92
N ASN A 284 -3.81 -10.61 1.69
CA ASN A 284 -4.37 -11.41 0.58
C ASN A 284 -3.53 -12.65 0.36
N PRO A 285 -4.18 -13.75 -0.11
CA PRO A 285 -3.45 -15.03 -0.25
C PRO A 285 -2.28 -15.02 -1.21
N LEU A 286 -2.34 -14.22 -2.27
CA LEU A 286 -1.26 -14.19 -3.24
C LEU A 286 0.02 -13.58 -2.64
N ALA A 287 -0.09 -12.39 -2.04
CA ALA A 287 1.03 -11.74 -1.41
C ALA A 287 1.55 -12.57 -0.25
N CYS A 288 0.66 -13.07 0.59
CA CYS A 288 1.12 -13.87 1.72
C CYS A 288 1.81 -15.18 1.28
N ARG A 289 1.35 -15.77 0.19
CA ARG A 289 2.01 -16.98 -0.36
C ARG A 289 3.47 -16.65 -0.74
N ALA A 290 3.66 -15.49 -1.35
CA ALA A 290 4.99 -15.02 -1.70
C ALA A 290 5.83 -14.88 -0.42
N GLY A 291 5.28 -14.22 0.59
CA GLY A 291 5.98 -14.08 1.85
C GLY A 291 6.32 -15.41 2.53
N VAL A 292 5.43 -16.40 2.49
CA VAL A 292 5.71 -17.73 3.04
C VAL A 292 6.91 -18.32 2.33
N THR A 293 6.93 -18.20 0.99
CA THR A 293 7.99 -18.79 0.19
C THR A 293 9.34 -18.14 0.53
N VAL A 294 9.32 -16.81 0.64
CA VAL A 294 10.51 -16.05 0.99
C VAL A 294 11.05 -16.42 2.38
N ILE A 295 10.19 -16.41 3.39
CA ILE A 295 10.66 -16.66 4.76
C ILE A 295 11.16 -18.10 4.89
N LYS A 296 10.54 -19.03 4.17
CA LYS A 296 10.99 -20.42 4.20
C LYS A 296 12.38 -20.53 3.59
N GLU A 297 12.62 -19.77 2.51
CA GLU A 297 13.94 -19.80 1.86
C GLU A 297 15.02 -19.18 2.76
N LEU A 298 14.71 -18.05 3.38
CA LEU A 298 15.70 -17.35 4.18
C LEU A 298 16.05 -18.11 5.44
N THR A 299 15.11 -18.88 5.96
CA THR A 299 15.33 -19.59 7.22
C THR A 299 15.83 -21.02 7.03
N LYS A 300 16.12 -21.42 5.80
CA LYS A 300 16.73 -22.73 5.53
C LYS A 300 18.06 -22.78 6.23
N GLU A 301 18.42 -23.94 6.77
CA GLU A 301 19.73 -24.12 7.39
CA GLU A 301 19.72 -24.08 7.41
C GLU A 301 20.85 -23.53 6.54
N GLY A 302 21.64 -22.63 7.10
CA GLY A 302 22.81 -22.12 6.47
C GLY A 302 22.63 -20.92 5.59
N PHE A 303 21.39 -20.56 5.23
CA PHE A 303 21.18 -19.48 4.26
C PHE A 303 21.69 -18.14 4.80
N LEU A 304 21.20 -17.75 5.96
CA LEU A 304 21.64 -16.48 6.53
C LEU A 304 23.10 -16.41 6.92
N GLU A 305 23.64 -17.53 7.38
CA GLU A 305 25.07 -17.62 7.64
C GLU A 305 25.87 -17.33 6.37
N GLU A 306 25.39 -17.80 5.22
CA GLU A 306 26.08 -17.51 3.97
C GLU A 306 25.90 -16.03 3.54
N VAL A 307 24.74 -15.44 3.85
CA VAL A 307 24.58 -14.01 3.64
C VAL A 307 25.61 -13.22 4.44
N GLU A 308 25.80 -13.61 5.69
CA GLU A 308 26.79 -12.95 6.51
C GLU A 308 28.21 -13.08 5.90
N GLU A 309 28.58 -14.27 5.45
CA GLU A 309 29.89 -14.47 4.81
C GLU A 309 30.04 -13.57 3.57
N LYS A 310 28.99 -13.51 2.74
CA LYS A 310 29.01 -12.68 1.54
C LYS A 310 29.11 -11.18 1.88
N GLY A 311 28.35 -10.76 2.89
CA GLY A 311 28.47 -9.41 3.44
C GLY A 311 29.90 -9.10 3.89
N ASN A 312 30.54 -10.04 4.58
CA ASN A 312 31.90 -9.82 5.05
C ASN A 312 32.88 -9.69 3.86
N TYR A 313 32.69 -10.54 2.86
CA TYR A 313 33.52 -10.52 1.68
CA TYR A 313 33.48 -10.56 1.61
C TYR A 313 33.36 -9.21 0.89
N LEU A 314 32.12 -8.77 0.69
CA LEU A 314 31.86 -7.51 -0.01
C LEU A 314 32.46 -6.33 0.78
N MSE A 315 32.31 -6.36 2.09
CA MSE A 315 32.82 -5.29 2.94
C MSE A 315 34.34 -5.21 2.88
O MSE A 315 34.90 -4.12 2.81
CB MSE A 315 32.33 -5.44 4.40
CG MSE A 315 32.75 -4.29 5.35
SE MSE A 315 32.15 -2.51 4.73
CE MSE A 315 30.52 -2.57 5.50
N LYS A 316 35.01 -6.35 2.95
CA LYS A 316 36.47 -6.41 2.79
C LYS A 316 36.91 -5.76 1.45
N LYS A 317 36.28 -6.11 0.34
CA LYS A 317 36.65 -5.54 -0.95
CA LYS A 317 36.63 -5.54 -0.96
C LYS A 317 36.41 -4.03 -0.98
N LEU A 318 35.30 -3.58 -0.42
CA LEU A 318 35.00 -2.15 -0.42
C LEU A 318 35.89 -1.36 0.50
N GLN A 319 36.28 -1.95 1.62
CA GLN A 319 37.25 -1.33 2.52
C GLN A 319 38.61 -1.20 1.86
N GLU A 320 39.04 -2.22 1.12
CA GLU A 320 40.28 -2.12 0.33
C GLU A 320 40.18 -0.99 -0.68
N MSE A 321 39.05 -0.91 -1.38
CA MSE A 321 38.80 0.18 -2.32
C MSE A 321 38.86 1.54 -1.63
O MSE A 321 39.38 2.48 -2.19
CB MSE A 321 37.43 0.00 -3.01
CG MSE A 321 37.13 1.00 -4.12
SE MSE A 321 35.29 0.82 -4.72
CE MSE A 321 34.49 1.63 -3.28
N LYS A 322 38.29 1.63 -0.44
CA LYS A 322 38.27 2.89 0.29
C LYS A 322 39.69 3.36 0.59
N GLU A 323 40.56 2.43 0.98
CA GLU A 323 41.94 2.78 1.28
C GLU A 323 42.65 3.27 0.04
N GLU A 324 42.40 2.61 -1.08
CA GLU A 324 43.09 2.86 -2.30
C GLU A 324 42.61 4.12 -3.03
N TYR A 325 41.32 4.44 -2.95
CA TYR A 325 40.73 5.53 -3.74
C TYR A 325 40.46 6.74 -2.88
N ASP A 326 41.20 7.82 -3.11
CA ASP A 326 41.03 9.04 -2.32
C ASP A 326 39.61 9.64 -2.45
N VAL A 327 38.93 9.40 -3.56
CA VAL A 327 37.55 9.92 -3.72
C VAL A 327 36.52 9.19 -2.85
N VAL A 328 36.89 8.02 -2.31
CA VAL A 328 36.01 7.28 -1.42
C VAL A 328 36.27 7.68 0.02
N ALA A 329 35.30 8.36 0.63
CA ALA A 329 35.45 8.91 1.98
C ALA A 329 35.10 7.88 3.07
N ASP A 330 34.12 7.03 2.81
CA ASP A 330 33.71 6.07 3.82
C ASP A 330 32.92 4.93 3.20
N VAL A 331 32.97 3.77 3.87
CA VAL A 331 32.12 2.62 3.52
CA VAL A 331 32.10 2.66 3.52
C VAL A 331 31.55 2.11 4.83
N ARG A 332 30.24 1.90 4.87
CA ARG A 332 29.63 1.44 6.09
C ARG A 332 28.38 0.61 5.82
N GLY A 333 27.95 -0.11 6.85
CA GLY A 333 26.78 -0.97 6.69
C GLY A 333 26.91 -2.25 7.46
N MSE A 334 26.09 -3.24 7.08
CA MSE A 334 25.99 -4.51 7.78
C MSE A 334 25.42 -5.49 6.78
O MSE A 334 24.51 -5.15 6.02
CB MSE A 334 25.02 -4.36 8.95
CG MSE A 334 25.12 -5.49 9.99
SE MSE A 334 23.90 -5.24 11.48
CE MSE A 334 24.68 -3.83 12.23
N GLY A 335 25.95 -6.71 6.75
CA GLY A 335 25.47 -7.70 5.79
C GLY A 335 25.57 -7.17 4.38
N LEU A 336 24.49 -7.34 3.59
CA LEU A 336 24.43 -6.83 2.22
C LEU A 336 23.64 -5.53 2.12
N MSE A 337 23.72 -4.70 3.16
CA MSE A 337 23.25 -3.33 3.09
C MSE A 337 24.46 -2.43 3.30
O MSE A 337 24.91 -2.26 4.45
CB MSE A 337 22.22 -3.08 4.15
CG MSE A 337 21.69 -1.68 4.27
SE MSE A 337 20.16 -1.64 5.50
CE MSE A 337 19.47 0.14 5.29
N ILE A 338 24.99 -1.82 2.24
CA ILE A 338 26.26 -1.13 2.33
C ILE A 338 26.17 0.19 1.57
N GLY A 339 26.66 1.24 2.23
CA GLY A 339 26.78 2.56 1.61
C GLY A 339 28.22 2.95 1.41
N ILE A 340 28.49 3.60 0.27
CA ILE A 340 29.79 4.07 -0.10
C ILE A 340 29.63 5.59 -0.26
N GLN A 341 30.34 6.34 0.57
CA GLN A 341 30.32 7.81 0.55
CA GLN A 341 30.31 7.81 0.54
C GLN A 341 31.52 8.36 -0.20
N PHE A 342 31.27 9.36 -1.05
CA PHE A 342 32.34 9.98 -1.81
C PHE A 342 32.69 11.34 -1.21
N ARG A 343 33.93 11.74 -1.44
CA ARG A 343 34.34 13.12 -1.13
C ARG A 343 33.45 14.10 -1.85
N GLU A 344 33.30 15.29 -1.27
CA GLU A 344 32.33 16.29 -1.70
C GLU A 344 32.45 16.71 -3.17
N GLU A 345 33.67 16.70 -3.67
CA GLU A 345 33.98 17.09 -5.05
CA GLU A 345 34.00 17.08 -5.05
C GLU A 345 33.40 16.13 -6.09
N VAL A 346 33.03 14.93 -5.66
CA VAL A 346 32.49 13.92 -6.56
C VAL A 346 31.02 13.76 -6.25
N SER A 347 30.17 13.83 -7.28
CA SER A 347 28.75 13.61 -7.12
C SER A 347 28.36 12.14 -7.09
N ASN A 348 27.68 11.73 -6.03
CA ASN A 348 27.09 10.40 -5.92
C ASN A 348 26.21 10.05 -7.11
N ARG A 349 25.44 11.05 -7.57
CA ARG A 349 24.54 10.86 -8.72
C ARG A 349 25.31 10.64 -10.00
N GLU A 350 26.42 11.35 -10.20
CA GLU A 350 27.27 11.13 -11.36
CA GLU A 350 27.28 11.12 -11.37
C GLU A 350 27.92 9.74 -11.31
N VAL A 351 28.38 9.34 -10.12
CA VAL A 351 28.94 8.00 -9.97
C VAL A 351 27.85 6.96 -10.37
N ALA A 352 26.64 7.12 -9.84
CA ALA A 352 25.56 6.19 -10.17
C ALA A 352 25.24 6.15 -11.66
N THR A 353 25.23 7.32 -12.30
CA THR A 353 24.98 7.41 -13.75
C THR A 353 26.08 6.68 -14.53
N LYS A 354 27.34 6.94 -14.19
CA LYS A 354 28.45 6.23 -14.83
C LYS A 354 28.45 4.72 -14.57
N CYS A 355 28.07 4.29 -13.38
CA CYS A 355 27.84 2.87 -13.13
C CYS A 355 26.80 2.30 -14.10
N PHE A 356 25.69 3.00 -14.24
CA PHE A 356 24.60 2.63 -15.14
C PHE A 356 25.08 2.50 -16.58
N GLU A 357 25.89 3.46 -17.03
CA GLU A 357 26.46 3.43 -18.36
C GLU A 357 27.39 2.23 -18.54
N ASN A 358 27.93 1.71 -17.44
CA ASN A 358 28.76 0.51 -17.47
C ASN A 358 28.04 -0.74 -16.96
N LYS A 359 26.70 -0.68 -16.98
CA LYS A 359 25.81 -1.84 -16.77
C LYS A 359 25.84 -2.35 -15.33
N LEU A 360 26.09 -1.44 -14.38
CA LEU A 360 25.92 -1.74 -12.95
C LEU A 360 24.89 -0.78 -12.36
N LEU A 361 23.90 -1.35 -11.67
CA LEU A 361 22.81 -0.57 -11.07
C LEU A 361 23.06 -0.42 -9.57
N VAL A 362 23.09 0.83 -9.11
CA VAL A 362 23.25 1.15 -7.70
C VAL A 362 22.23 2.21 -7.31
N VAL A 363 22.01 2.41 -6.01
CA VAL A 363 20.96 3.32 -5.55
C VAL A 363 21.51 4.51 -4.76
N PRO A 364 21.45 5.72 -5.32
CA PRO A 364 21.90 6.88 -4.57
C PRO A 364 21.16 7.06 -3.23
N ALA A 365 21.85 7.61 -2.25
CA ALA A 365 21.26 7.96 -0.97
C ALA A 365 21.91 9.24 -0.45
N GLY A 366 21.47 9.72 0.70
CA GLY A 366 22.00 10.97 1.27
C GLY A 366 23.44 10.86 1.73
N ASN A 367 23.98 11.98 2.21
CA ASN A 367 25.37 12.05 2.60
C ASN A 367 26.30 11.68 1.45
N ASN A 368 25.89 12.01 0.23
CA ASN A 368 26.73 11.79 -0.96
C ASN A 368 27.15 10.32 -1.12
N THR A 369 26.16 9.43 -0.97
CA THR A 369 26.43 8.01 -1.02
C THR A 369 25.73 7.33 -2.17
N ILE A 370 26.32 6.19 -2.55
CA ILE A 370 25.57 5.17 -3.28
C ILE A 370 25.42 3.93 -2.39
N ARG A 371 24.35 3.19 -2.64
CA ARG A 371 24.03 1.97 -1.90
C ARG A 371 24.25 0.76 -2.79
N PHE A 372 24.95 -0.21 -2.23
CA PHE A 372 25.01 -1.57 -2.79
C PHE A 372 23.97 -2.39 -2.01
N LEU A 373 22.92 -2.80 -2.72
CA LEU A 373 21.80 -3.56 -2.17
C LEU A 373 21.53 -4.73 -3.10
N PRO A 374 22.51 -5.63 -3.22
CA PRO A 374 22.29 -6.78 -4.08
C PRO A 374 21.25 -7.76 -3.54
N PRO A 375 20.74 -8.64 -4.40
CA PRO A 375 19.93 -9.72 -3.88
C PRO A 375 20.71 -10.53 -2.87
N LEU A 376 20.03 -11.19 -1.93
CA LEU A 376 20.73 -11.98 -0.94
C LEU A 376 21.36 -13.24 -1.52
N THR A 377 20.85 -13.64 -2.69
CA THR A 377 21.36 -14.76 -3.50
C THR A 377 22.55 -14.37 -4.38
N VAL A 378 23.02 -13.14 -4.29
CA VAL A 378 24.12 -12.69 -5.14
C VAL A 378 25.33 -13.61 -5.01
N GLU A 379 26.00 -13.84 -6.14
CA GLU A 379 27.14 -14.79 -6.13
C GLU A 379 28.41 -14.04 -5.77
N TYR A 380 29.40 -14.74 -5.20
CA TYR A 380 30.70 -14.10 -4.95
C TYR A 380 31.26 -13.45 -6.21
N GLY A 381 31.17 -14.13 -7.36
CA GLY A 381 31.68 -13.54 -8.58
C GLY A 381 30.99 -12.27 -9.01
N GLU A 382 29.69 -12.21 -8.74
CA GLU A 382 28.90 -10.99 -9.03
C GLU A 382 29.30 -9.83 -8.12
N ILE A 383 29.62 -10.13 -6.87
CA ILE A 383 30.17 -9.13 -5.96
C ILE A 383 31.45 -8.56 -6.52
N ASP A 384 32.38 -9.42 -6.97
CA ASP A 384 33.61 -8.96 -7.49
CA ASP A 384 33.64 -8.94 -7.50
C ASP A 384 33.41 -8.12 -8.75
N LEU A 385 32.52 -8.57 -9.62
CA LEU A 385 32.24 -7.84 -10.85
C LEU A 385 31.71 -6.44 -10.55
N ALA A 386 30.86 -6.31 -9.54
CA ALA A 386 30.31 -5.01 -9.14
C ALA A 386 31.42 -4.06 -8.62
N VAL A 387 32.26 -4.60 -7.75
CA VAL A 387 33.36 -3.80 -7.21
C VAL A 387 34.30 -3.36 -8.32
N GLU A 388 34.68 -4.29 -9.19
CA GLU A 388 35.55 -3.95 -10.30
C GLU A 388 34.96 -2.90 -11.22
N THR A 389 33.65 -2.96 -11.45
CA THR A 389 33.00 -1.98 -12.31
C THR A 389 33.01 -0.60 -11.66
N LEU A 390 32.72 -0.58 -10.38
CA LEU A 390 32.77 0.68 -9.63
C LEU A 390 34.18 1.25 -9.64
N LYS A 391 35.20 0.43 -9.39
CA LYS A 391 36.59 0.91 -9.47
C LYS A 391 36.90 1.54 -10.82
N LYS A 392 36.47 0.89 -11.90
CA LYS A 392 36.71 1.42 -13.25
C LYS A 392 36.04 2.78 -13.42
N VAL A 393 34.82 2.91 -12.93
CA VAL A 393 34.15 4.22 -12.91
C VAL A 393 34.93 5.27 -12.13
N LEU A 394 35.43 4.91 -10.97
CA LEU A 394 36.13 5.90 -10.14
C LEU A 394 37.47 6.30 -10.76
N GLN A 395 38.10 5.38 -11.48
CA GLN A 395 39.35 5.67 -12.17
C GLN A 395 39.17 6.76 -13.21
N GLY A 396 37.99 6.84 -13.82
CA GLY A 396 37.70 7.87 -14.81
C GLY A 396 36.91 9.06 -14.34
N ILE A 397 36.66 9.16 -13.03
CA ILE A 397 35.76 10.19 -12.50
C ILE A 397 36.58 11.48 -12.29
N LYS B 5 -3.35 -29.22 9.28
CA LYS B 5 -3.78 -28.24 8.22
C LYS B 5 -4.16 -26.92 8.88
N ILE B 6 -3.83 -25.83 8.19
CA ILE B 6 -3.93 -24.49 8.76
C ILE B 6 -5.39 -24.06 8.71
N HIS B 7 -5.90 -23.55 9.84
CA HIS B 7 -7.33 -23.23 9.98
C HIS B 7 -7.53 -22.13 11.03
N HIS B 8 -8.57 -21.29 10.85
CA HIS B 8 -8.80 -20.18 11.78
C HIS B 8 -9.06 -20.61 13.23
N HIS B 9 -9.47 -21.84 13.44
CA HIS B 9 -9.69 -22.33 14.82
C HIS B 9 -8.44 -22.27 15.66
N HIS B 10 -7.29 -22.49 15.04
CA HIS B 10 -6.02 -22.35 15.76
C HIS B 10 -5.25 -21.07 15.42
N HIS B 11 -5.08 -20.80 14.13
CA HIS B 11 -4.16 -19.78 13.68
C HIS B 11 -4.59 -18.33 13.91
N HIS B 12 -5.81 -18.13 14.38
CA HIS B 12 -6.25 -16.79 14.79
C HIS B 12 -5.26 -16.16 15.80
N MSE B 13 -4.60 -17.01 16.62
CA MSE B 13 -3.66 -16.54 17.65
C MSE B 13 -2.47 -15.73 17.14
O MSE B 13 -1.80 -15.05 17.94
CB MSE B 13 -3.12 -17.70 18.50
CG MSE B 13 -2.16 -18.66 17.72
SE MSE B 13 -1.44 -20.10 18.84
CE MSE B 13 0.03 -19.17 19.68
N TYR B 14 -2.16 -15.85 15.86
CA TYR B 14 -1.00 -15.13 15.30
C TYR B 14 -1.35 -13.80 14.70
N LEU B 15 -2.66 -13.48 14.62
CA LEU B 15 -3.12 -12.29 13.94
C LEU B 15 -3.66 -11.29 14.96
N MSE B 16 -3.33 -10.01 14.77
CA MSE B 16 -3.96 -8.93 15.53
C MSE B 16 -5.47 -8.99 15.29
O MSE B 16 -5.95 -9.39 14.22
CB MSE B 16 -3.39 -7.55 15.17
CG MSE B 16 -2.03 -7.29 15.80
SE MSE B 16 -1.43 -5.56 15.35
CE MSE B 16 0.16 -5.94 14.82
N ASN B 17 -6.23 -8.59 16.30
CA ASN B 17 -7.69 -8.74 16.25
C ASN B 17 -8.30 -7.45 15.71
N THR B 18 -8.06 -7.18 14.43
CA THR B 18 -8.49 -5.93 13.82
C THR B 18 -9.76 -6.05 13.00
N TYR B 19 -10.28 -7.27 12.82
CA TYR B 19 -11.42 -7.53 11.94
C TYR B 19 -12.52 -8.32 12.62
N SER B 20 -13.75 -8.06 12.24
CA SER B 20 -14.87 -8.93 12.57
CA SER B 20 -14.89 -8.92 12.56
C SER B 20 -15.11 -9.80 11.34
N ARG B 21 -14.75 -11.06 11.45
CA ARG B 21 -14.76 -11.95 10.29
C ARG B 21 -15.89 -12.93 10.34
N PHE B 22 -16.34 -13.40 9.18
CA PHE B 22 -17.21 -14.56 9.12
C PHE B 22 -16.34 -15.80 9.39
N PRO B 23 -16.92 -16.84 10.01
CA PRO B 23 -16.11 -17.99 10.43
C PRO B 23 -15.85 -18.98 9.28
N ALA B 24 -15.08 -18.56 8.30
CA ALA B 24 -14.71 -19.39 7.15
C ALA B 24 -13.23 -19.18 6.81
N THR B 25 -12.57 -20.30 6.55
CA THR B 25 -11.27 -20.35 5.92
C THR B 25 -11.51 -20.71 4.46
N PHE B 26 -11.22 -19.77 3.56
CA PHE B 26 -11.40 -19.99 2.13
C PHE B 26 -10.09 -20.32 1.45
N VAL B 27 -10.11 -21.31 0.55
CA VAL B 27 -8.89 -21.89 -0.04
C VAL B 27 -8.81 -21.85 -1.58
N TYR B 28 -9.95 -21.63 -2.24
CA TYR B 28 -10.06 -21.78 -3.67
C TYR B 28 -11.27 -20.95 -4.10
N GLY B 29 -11.15 -20.23 -5.19
CA GLY B 29 -12.29 -19.52 -5.78
C GLY B 29 -12.22 -19.44 -7.28
N LYS B 30 -13.38 -19.45 -7.93
CA LYS B 30 -13.48 -19.25 -9.36
CA LYS B 30 -13.48 -19.21 -9.35
C LYS B 30 -14.77 -18.50 -9.65
N GLY B 31 -14.67 -17.42 -10.39
CA GLY B 31 -15.85 -16.65 -10.76
C GLY B 31 -16.54 -16.07 -9.55
N SER B 32 -17.84 -16.34 -9.45
CA SER B 32 -18.67 -15.85 -8.37
C SER B 32 -18.68 -16.82 -7.17
N TRP B 33 -17.84 -17.84 -7.18
CA TRP B 33 -17.90 -18.90 -6.17
C TRP B 33 -16.59 -19.05 -5.43
N ILE B 34 -16.69 -19.28 -4.12
CA ILE B 34 -15.52 -19.46 -3.25
C ILE B 34 -15.78 -20.66 -2.34
N TYR B 35 -14.70 -21.40 -2.05
CA TYR B 35 -14.81 -22.68 -1.37
C TYR B 35 -13.99 -22.70 -0.10
N ASP B 36 -14.57 -23.28 0.94
CA ASP B 36 -13.83 -23.47 2.19
C ASP B 36 -12.98 -24.73 2.12
N GLU B 37 -12.30 -25.05 3.22
CA GLU B 37 -11.33 -26.15 3.22
C GLU B 37 -12.02 -27.51 3.18
N LYS B 38 -13.31 -27.54 3.48
CA LYS B 38 -14.12 -28.73 3.33
C LYS B 38 -14.74 -28.90 1.94
N GLY B 39 -14.55 -27.93 1.05
CA GLY B 39 -15.15 -27.99 -0.29
C GLY B 39 -16.58 -27.48 -0.37
N ASN B 40 -17.08 -26.81 0.66
CA ASN B 40 -18.37 -26.15 0.57
C ASN B 40 -18.24 -24.92 -0.31
N ALA B 41 -19.19 -24.76 -1.21
CA ALA B 41 -19.19 -23.65 -2.16
C ALA B 41 -20.11 -22.53 -1.67
N TYR B 42 -19.63 -21.29 -1.77
CA TYR B 42 -20.38 -20.11 -1.34
C TYR B 42 -20.51 -19.20 -2.54
N LEU B 43 -21.69 -18.64 -2.71
CA LEU B 43 -21.94 -17.62 -3.72
C LEU B 43 -21.46 -16.30 -3.17
N ASP B 44 -20.43 -15.75 -3.83
CA ASP B 44 -19.68 -14.62 -3.33
C ASP B 44 -20.17 -13.32 -3.95
N PHE B 45 -21.08 -12.67 -3.26
CA PHE B 45 -21.56 -11.34 -3.64
C PHE B 45 -20.83 -10.23 -2.89
N THR B 46 -19.62 -10.54 -2.40
CA THR B 46 -18.74 -9.52 -1.86
C THR B 46 -17.73 -9.01 -2.89
N SER B 47 -17.37 -9.86 -3.84
CA SER B 47 -16.19 -9.68 -4.71
C SER B 47 -14.95 -9.21 -3.93
N GLY B 48 -14.82 -9.72 -2.70
CA GLY B 48 -13.68 -9.31 -1.85
C GLY B 48 -13.71 -7.84 -1.51
N ILE B 49 -14.93 -7.33 -1.32
CA ILE B 49 -15.30 -5.94 -1.14
C ILE B 49 -14.98 -5.09 -2.38
N ALA B 50 -15.66 -5.44 -3.48
CA ALA B 50 -15.63 -4.65 -4.74
C ALA B 50 -14.29 -4.71 -5.48
N VAL B 51 -13.53 -5.76 -5.24
CA VAL B 51 -12.20 -5.93 -5.83
C VAL B 51 -12.17 -6.89 -7.03
N ASN B 52 -12.83 -8.04 -6.90
CA ASN B 52 -12.70 -9.12 -7.90
C ASN B 52 -13.64 -8.87 -9.07
N VAL B 53 -13.29 -7.86 -9.84
CA VAL B 53 -14.13 -7.34 -10.92
C VAL B 53 -14.48 -8.40 -11.98
N LEU B 54 -13.55 -9.32 -12.20
CA LEU B 54 -13.73 -10.43 -13.17
C LEU B 54 -13.98 -11.75 -12.45
N GLY B 55 -14.32 -11.68 -11.19
CA GLY B 55 -14.50 -12.85 -10.31
C GLY B 55 -13.18 -13.42 -9.85
N HIS B 56 -13.24 -14.49 -9.07
CA HIS B 56 -12.03 -15.08 -8.55
C HIS B 56 -11.24 -15.75 -9.66
N SER B 57 -9.92 -15.51 -9.67
CA SER B 57 -8.98 -16.25 -10.51
C SER B 57 -9.47 -16.42 -11.97
N HIS B 58 -9.87 -15.31 -12.58
CA HIS B 58 -10.34 -15.31 -13.95
C HIS B 58 -9.20 -15.79 -14.83
N PRO B 59 -9.49 -16.70 -15.76
CA PRO B 59 -8.40 -17.31 -16.52
C PRO B 59 -7.47 -16.33 -17.28
N ARG B 60 -8.00 -15.24 -17.81
CA ARG B 60 -7.15 -14.27 -18.49
C ARG B 60 -6.27 -13.49 -17.53
N LEU B 61 -6.80 -13.19 -16.35
CA LEU B 61 -5.99 -12.56 -15.32
C LEU B 61 -4.89 -13.52 -14.82
N VAL B 62 -5.27 -14.76 -14.56
CA VAL B 62 -4.31 -15.75 -14.09
C VAL B 62 -3.20 -15.94 -15.12
N GLU B 63 -3.56 -16.06 -16.39
CA GLU B 63 -2.56 -16.21 -17.46
C GLU B 63 -1.56 -15.04 -17.48
N ALA B 64 -2.07 -13.81 -17.34
CA ALA B 64 -1.25 -12.60 -17.33
C ALA B 64 -0.31 -12.57 -16.12
N ILE B 65 -0.83 -12.92 -14.95
CA ILE B 65 -0.01 -12.96 -13.72
C ILE B 65 1.11 -13.97 -13.90
N LYS B 66 0.78 -15.17 -14.38
CA LYS B 66 1.79 -16.23 -14.55
C LYS B 66 2.86 -15.80 -15.55
N ASP B 67 2.43 -15.24 -16.67
CA ASP B 67 3.37 -14.82 -17.70
C ASP B 67 4.30 -13.72 -17.18
N GLN B 68 3.74 -12.74 -16.48
CA GLN B 68 4.55 -11.63 -15.97
C GLN B 68 5.48 -12.09 -14.86
N ALA B 69 5.01 -12.99 -14.00
CA ALA B 69 5.84 -13.44 -12.89
C ALA B 69 7.09 -14.13 -13.41
N GLU B 70 6.93 -14.83 -14.54
CA GLU B 70 8.07 -15.52 -15.17
C GLU B 70 9.09 -14.58 -15.79
N LYS B 71 8.67 -13.36 -16.10
CA LYS B 71 9.48 -12.35 -16.78
C LYS B 71 10.15 -11.35 -15.81
N LEU B 72 9.34 -10.62 -15.05
CA LEU B 72 9.82 -9.52 -14.22
C LEU B 72 8.70 -9.13 -13.28
N ILE B 73 8.99 -9.22 -11.98
CA ILE B 73 8.01 -8.92 -10.95
C ILE B 73 8.12 -7.47 -10.44
N HIS B 74 9.35 -7.03 -10.20
CA HIS B 74 9.61 -5.77 -9.53
C HIS B 74 10.97 -5.24 -9.93
N CYS B 75 11.04 -4.01 -10.41
CA CYS B 75 12.31 -3.35 -10.69
C CYS B 75 12.53 -2.03 -9.96
N SER B 76 11.46 -1.47 -9.38
CA SER B 76 11.40 -0.15 -8.75
C SER B 76 11.25 0.98 -9.74
N ASN B 77 10.86 2.14 -9.21
CA ASN B 77 10.72 3.34 -10.01
C ASN B 77 12.02 4.12 -10.23
N LEU B 78 13.18 3.51 -9.98
CA LEU B 78 14.44 3.96 -10.56
C LEU B 78 14.45 3.76 -12.05
N PHE B 79 13.58 2.90 -12.54
CA PHE B 79 13.52 2.54 -13.97
C PHE B 79 12.10 2.54 -14.47
N TRP B 80 11.95 2.28 -15.77
CA TRP B 80 10.63 2.20 -16.42
C TRP B 80 10.33 0.73 -16.74
N ASN B 81 9.06 0.37 -16.73
CA ASN B 81 8.65 -0.95 -17.17
C ASN B 81 7.42 -0.85 -18.06
N ARG B 82 7.27 -1.83 -18.94
CA ARG B 82 6.23 -1.74 -19.98
C ARG B 82 4.80 -1.80 -19.44
N PRO B 83 4.47 -2.78 -18.55
CA PRO B 83 3.12 -2.73 -18.00
C PRO B 83 2.70 -1.41 -17.35
N GLN B 84 3.61 -0.75 -16.64
CA GLN B 84 3.29 0.50 -15.97
CA GLN B 84 3.30 0.52 -15.99
C GLN B 84 2.97 1.56 -17.03
N MSE B 85 3.80 1.61 -18.05
CA MSE B 85 3.62 2.58 -19.10
C MSE B 85 2.35 2.34 -19.92
O MSE B 85 1.59 3.28 -20.22
CB MSE B 85 4.85 2.62 -19.99
CG MSE B 85 6.06 3.32 -19.36
SE MSE B 85 7.61 3.55 -20.48
CE MSE B 85 8.21 1.79 -20.63
N GLU B 86 2.08 1.08 -20.24
CA GLU B 86 0.87 0.72 -20.94
C GLU B 86 -0.37 1.04 -20.12
N LEU B 87 -0.36 0.67 -18.84
CA LEU B 87 -1.50 0.95 -17.98
C LEU B 87 -1.74 2.44 -17.84
N ALA B 88 -0.68 3.22 -17.68
CA ALA B 88 -0.86 4.69 -17.62
C ALA B 88 -1.53 5.24 -18.88
N GLU B 89 -1.06 4.77 -20.04
CA GLU B 89 -1.69 5.14 -21.34
C GLU B 89 -3.18 4.79 -21.37
N LEU B 90 -3.49 3.57 -20.97
CA LEU B 90 -4.88 3.09 -20.99
C LEU B 90 -5.78 3.87 -20.01
N LEU B 91 -5.27 4.13 -18.80
CA LEU B 91 -6.04 4.93 -17.83
C LEU B 91 -6.28 6.36 -18.33
N SER B 92 -5.23 6.96 -18.88
CA SER B 92 -5.31 8.30 -19.43
C SER B 92 -6.31 8.35 -20.56
N LYS B 93 -6.17 7.46 -21.52
CA LYS B 93 -7.02 7.50 -22.72
C LYS B 93 -8.49 7.18 -22.45
N ASN B 94 -8.76 6.36 -21.44
CA ASN B 94 -10.13 5.97 -21.10
C ASN B 94 -10.78 6.86 -20.04
N THR B 95 -10.07 7.88 -19.61
CA THR B 95 -10.64 8.90 -18.72
C THR B 95 -10.47 10.27 -19.35
N PHE B 96 -10.30 11.30 -18.54
CA PHE B 96 -10.18 12.67 -19.02
C PHE B 96 -8.77 13.06 -19.53
N GLY B 97 -7.94 12.07 -19.91
CA GLY B 97 -6.67 12.31 -20.59
C GLY B 97 -5.53 12.84 -19.75
N GLY B 98 -5.53 12.56 -18.47
CA GLY B 98 -4.48 13.13 -17.65
C GLY B 98 -3.24 12.25 -17.51
N LYS B 99 -2.45 12.56 -16.49
CA LYS B 99 -1.26 11.80 -16.11
C LYS B 99 -1.56 10.94 -14.91
N VAL B 100 -0.78 9.88 -14.74
CA VAL B 100 -1.08 8.88 -13.74
C VAL B 100 0.09 8.72 -12.76
N PHE B 101 -0.24 8.44 -11.50
CA PHE B 101 0.70 8.04 -10.47
C PHE B 101 0.18 6.73 -9.89
N PHE B 102 1.03 5.73 -9.85
CA PHE B 102 0.68 4.44 -9.27
C PHE B 102 1.04 4.32 -7.81
N ALA B 103 0.04 3.94 -7.04
CA ALA B 103 0.16 3.56 -5.65
C ALA B 103 -0.20 2.08 -5.56
N ASN B 104 -0.41 1.59 -4.33
CA ASN B 104 -0.67 0.15 -4.12
C ASN B 104 -2.03 -0.15 -3.57
N THR B 105 -2.72 0.87 -3.05
CA THR B 105 -3.96 0.69 -2.33
C THR B 105 -4.82 1.95 -2.49
N GLY B 106 -6.09 1.85 -2.12
CA GLY B 106 -6.99 3.00 -2.13
C GLY B 106 -6.53 4.09 -1.20
N THR B 107 -6.17 3.71 0.02
CA THR B 107 -5.77 4.71 1.01
C THR B 107 -4.51 5.44 0.52
N GLU B 108 -3.58 4.72 -0.11
CA GLU B 108 -2.39 5.35 -0.62
C GLU B 108 -2.70 6.27 -1.81
N ALA B 109 -3.61 5.84 -2.68
CA ALA B 109 -4.02 6.75 -3.76
C ALA B 109 -4.61 8.07 -3.20
N ASN B 110 -5.45 7.96 -2.21
CA ASN B 110 -6.04 9.16 -1.58
C ASN B 110 -5.00 10.03 -0.84
N GLU B 111 -4.00 9.39 -0.26
CA GLU B 111 -2.90 10.13 0.34
C GLU B 111 -2.16 10.95 -0.74
N ALA B 112 -1.83 10.32 -1.87
CA ALA B 112 -1.28 11.07 -3.03
C ALA B 112 -2.16 12.23 -3.44
N ALA B 113 -3.47 12.03 -3.47
CA ALA B 113 -4.40 13.11 -3.87
C ALA B 113 -4.38 14.29 -2.89
N ILE B 114 -4.31 13.98 -1.61
CA ILE B 114 -4.19 15.01 -0.58
C ILE B 114 -2.90 15.82 -0.80
N LYS B 115 -1.80 15.11 -1.10
CA LYS B 115 -0.53 15.77 -1.27
C LYS B 115 -0.52 16.63 -2.54
N ILE B 116 -1.12 16.14 -3.62
CA ILE B 116 -1.30 16.91 -4.85
C ILE B 116 -2.08 18.20 -4.55
N ALA B 117 -3.17 18.06 -3.81
CA ALA B 117 -4.00 19.20 -3.48
C ALA B 117 -3.23 20.22 -2.66
N ARG B 118 -2.46 19.76 -1.67
CA ARG B 118 -1.67 20.71 -0.89
C ARG B 118 -0.59 21.41 -1.68
N LYS B 119 0.09 20.65 -2.57
CA LYS B 119 1.10 21.25 -3.46
CA LYS B 119 1.09 21.23 -3.48
C LYS B 119 0.45 22.31 -4.35
N TYR B 120 -0.73 21.98 -4.90
CA TYR B 120 -1.47 22.90 -5.73
C TYR B 120 -1.79 24.18 -4.94
N GLY B 121 -2.33 24.01 -3.75
CA GLY B 121 -2.80 25.14 -2.92
C GLY B 121 -1.65 26.06 -2.56
N LYS B 122 -0.52 25.47 -2.22
CA LYS B 122 0.61 26.25 -1.75
C LYS B 122 1.25 27.05 -2.86
N LYS B 123 1.02 26.70 -4.11
CA LYS B 123 1.47 27.56 -5.21
C LYS B 123 0.80 28.92 -5.14
N LYS B 124 -0.42 28.97 -4.60
CA LYS B 124 -1.19 30.21 -4.61
CA LYS B 124 -1.21 30.21 -4.60
C LYS B 124 -1.00 30.94 -3.29
N SER B 125 -1.03 30.20 -2.18
CA SER B 125 -0.99 30.80 -0.87
C SER B 125 -0.57 29.80 0.20
N GLU B 126 0.21 30.26 1.17
CA GLU B 126 0.61 29.40 2.29
C GLU B 126 -0.59 28.97 3.14
N LYS B 127 -1.69 29.71 3.09
CA LYS B 127 -2.87 29.35 3.87
C LYS B 127 -3.79 28.36 3.14
N LYS B 128 -3.55 28.14 1.85
CA LYS B 128 -4.50 27.40 1.02
C LYS B 128 -4.19 25.90 1.08
N TYR B 129 -4.46 25.34 2.26
CA TYR B 129 -4.16 23.94 2.52
C TYR B 129 -5.37 23.19 3.04
N ARG B 130 -6.53 23.85 3.12
CA ARG B 130 -7.69 23.22 3.76
C ARG B 130 -8.33 22.22 2.82
N ILE B 131 -8.78 21.10 3.36
CA ILE B 131 -9.41 20.05 2.55
C ILE B 131 -10.80 19.79 3.12
N LEU B 132 -11.78 19.67 2.23
CA LEU B 132 -13.16 19.38 2.61
C LEU B 132 -13.55 17.99 2.15
N SER B 133 -14.26 17.27 3.01
CA SER B 133 -14.81 15.97 2.66
C SER B 133 -16.15 15.77 3.34
N ALA B 134 -16.86 14.70 2.99
CA ALA B 134 -18.22 14.55 3.45
C ALA B 134 -18.31 13.78 4.75
N HIS B 135 -19.27 14.16 5.58
CA HIS B 135 -19.67 13.31 6.70
C HIS B 135 -20.00 11.94 6.16
N ASN B 136 -19.57 10.91 6.90
CA ASN B 136 -19.82 9.49 6.56
C ASN B 136 -19.05 8.99 5.35
N SER B 137 -18.16 9.82 4.81
CA SER B 137 -17.27 9.34 3.78
C SER B 137 -16.31 8.30 4.31
N PHE B 138 -15.72 7.54 3.39
CA PHE B 138 -14.62 6.68 3.74
C PHE B 138 -13.55 6.78 2.68
N HIS B 139 -12.36 7.23 3.08
CA HIS B 139 -11.24 7.42 2.17
C HIS B 139 -10.01 6.61 2.51
N GLY B 140 -10.03 5.89 3.63
CA GLY B 140 -8.88 5.10 4.02
C GLY B 140 -8.44 5.30 5.45
N ARG B 141 -7.52 4.44 5.88
CA ARG B 141 -7.09 4.32 7.28
C ARG B 141 -5.73 4.87 7.64
N THR B 142 -4.90 5.18 6.65
CA THR B 142 -3.63 5.86 6.92
C THR B 142 -3.97 7.29 7.36
N LEU B 143 -3.05 7.99 8.05
CA LEU B 143 -3.53 9.16 8.80
C LEU B 143 -4.04 10.33 7.96
N GLY B 144 -3.51 10.52 6.75
CA GLY B 144 -4.06 11.56 5.88
C GLY B 144 -5.47 11.20 5.45
N SER B 145 -5.61 10.04 4.85
CA SER B 145 -6.90 9.51 4.44
C SER B 145 -7.91 9.40 5.58
N LEU B 146 -7.44 9.05 6.77
CA LEU B 146 -8.28 8.90 7.94
C LEU B 146 -8.84 10.25 8.37
N THR B 147 -8.05 11.32 8.20
CA THR B 147 -8.55 12.67 8.50
C THR B 147 -9.66 13.07 7.49
N ALA B 148 -9.50 12.66 6.23
CA ALA B 148 -10.51 12.89 5.19
C ALA B 148 -11.75 12.05 5.44
N THR B 149 -11.59 10.89 6.04
CA THR B 149 -12.69 9.98 6.33
C THR B 149 -13.59 10.62 7.40
N GLY B 150 -14.83 10.88 7.03
CA GLY B 150 -15.76 11.66 7.86
C GLY B 150 -16.47 10.83 8.90
N GLN B 151 -15.70 10.11 9.70
CA GLN B 151 -16.23 9.15 10.65
C GLN B 151 -15.45 9.20 11.95
N PRO B 152 -15.93 10.00 12.91
CA PRO B 152 -15.23 10.16 14.18
C PRO B 152 -14.89 8.84 14.91
N LYS B 153 -15.72 7.81 14.81
CA LYS B 153 -15.43 6.56 15.51
C LYS B 153 -14.09 5.95 15.06
N TYR B 154 -13.73 6.14 13.80
CA TYR B 154 -12.46 5.60 13.27
C TYR B 154 -11.27 6.53 13.56
N GLN B 155 -11.57 7.77 13.93
CA GLN B 155 -10.56 8.79 14.13
C GLN B 155 -10.14 8.93 15.58
N LYS B 156 -11.10 8.82 16.50
CA LYS B 156 -10.88 9.27 17.89
C LYS B 156 -9.71 8.64 18.66
N PRO B 157 -9.51 7.32 18.49
CA PRO B 157 -8.42 6.73 19.24
C PRO B 157 -7.02 7.23 18.83
N PHE B 158 -6.93 7.89 17.65
CA PHE B 158 -5.65 8.19 17.01
C PHE B 158 -5.32 9.67 16.91
N GLU B 159 -6.20 10.52 17.45
CA GLU B 159 -6.03 11.96 17.45
C GLU B 159 -4.80 12.35 18.29
N PRO B 160 -4.18 13.49 17.97
CA PRO B 160 -4.58 14.45 16.91
C PRO B 160 -4.23 14.00 15.49
N LEU B 161 -5.13 14.28 14.55
CA LEU B 161 -4.93 13.92 13.15
C LEU B 161 -4.43 15.15 12.39
N VAL B 162 -4.48 15.11 11.07
CA VAL B 162 -3.89 16.17 10.24
C VAL B 162 -4.74 17.43 10.35
N PRO B 163 -4.13 18.58 10.71
CA PRO B 163 -4.94 19.81 10.77
C PRO B 163 -5.39 20.29 9.39
N GLY B 164 -6.48 21.04 9.35
CA GLY B 164 -6.92 21.69 8.09
C GLY B 164 -7.98 20.96 7.31
N PHE B 165 -8.65 19.98 7.92
CA PHE B 165 -9.72 19.25 7.25
C PHE B 165 -11.06 19.65 7.88
N GLU B 166 -12.08 19.82 7.03
CA GLU B 166 -13.41 20.15 7.51
C GLU B 166 -14.42 19.34 6.72
N TYR B 167 -15.60 19.18 7.30
CA TYR B 167 -16.59 18.25 6.76
C TYR B 167 -17.91 18.95 6.43
N PHE B 168 -18.61 18.42 5.42
CA PHE B 168 -19.91 18.90 5.02
C PHE B 168 -20.81 17.68 4.79
N GLU B 169 -22.12 17.92 4.82
CA GLU B 169 -23.09 16.85 4.63
C GLU B 169 -23.17 16.49 3.13
N PHE B 170 -23.00 15.20 2.85
CA PHE B 170 -23.15 14.67 1.48
C PHE B 170 -24.53 15.05 0.94
N ASN B 171 -24.54 15.53 -0.31
CA ASN B 171 -25.73 15.92 -1.04
C ASN B 171 -26.39 17.21 -0.53
N ASN B 172 -25.74 17.91 0.38
CA ASN B 172 -26.26 19.15 0.95
C ASN B 172 -25.49 20.32 0.35
N VAL B 173 -26.10 20.96 -0.64
CA VAL B 173 -25.47 22.08 -1.35
C VAL B 173 -25.16 23.25 -0.41
N GLU B 174 -26.06 23.55 0.51
CA GLU B 174 -25.85 24.69 1.41
CA GLU B 174 -25.85 24.71 1.39
C GLU B 174 -24.66 24.48 2.31
N ASP B 175 -24.51 23.27 2.83
CA ASP B 175 -23.40 22.96 3.74
C ASP B 175 -22.07 23.00 2.96
N LEU B 176 -22.05 22.43 1.76
CA LEU B 176 -20.82 22.51 0.97
C LEU B 176 -20.48 23.99 0.69
N ARG B 177 -21.48 24.78 0.30
CA ARG B 177 -21.24 26.21 0.01
C ARG B 177 -20.65 26.95 1.22
N ARG B 178 -21.19 26.65 2.40
CA ARG B 178 -20.77 27.29 3.65
C ARG B 178 -19.30 27.02 3.94
N LYS B 179 -18.88 25.79 3.70
CA LYS B 179 -17.53 25.36 4.02
C LYS B 179 -16.48 25.82 2.99
N MSE B 180 -16.92 26.23 1.80
CA MSE B 180 -15.95 26.75 0.82
C MSE B 180 -15.29 28.03 1.29
O MSE B 180 -15.93 28.85 1.94
CB MSE B 180 -16.59 27.03 -0.51
CG MSE B 180 -17.19 25.85 -1.22
SE MSE B 180 -16.00 24.39 -1.59
CE MSE B 180 -14.67 25.33 -2.56
N SER B 181 -14.03 28.20 0.92
CA SER B 181 -13.32 29.44 1.08
C SER B 181 -12.10 29.44 0.16
N GLU B 182 -11.47 30.61 0.04
CA GLU B 182 -10.26 30.70 -0.79
CA GLU B 182 -10.25 30.74 -0.76
C GLU B 182 -9.09 29.89 -0.22
N ASP B 183 -9.18 29.48 1.05
CA ASP B 183 -8.14 28.64 1.67
C ASP B 183 -8.33 27.14 1.41
N VAL B 184 -9.41 26.75 0.73
CA VAL B 184 -9.64 25.35 0.38
C VAL B 184 -8.83 25.00 -0.86
N CYS B 185 -8.03 23.93 -0.76
CA CYS B 185 -7.29 23.40 -1.92
C CYS B 185 -7.96 22.20 -2.57
N ALA B 186 -8.86 21.53 -1.88
CA ALA B 186 -9.57 20.40 -2.47
C ALA B 186 -10.88 20.11 -1.79
N VAL B 187 -11.79 19.53 -2.58
CA VAL B 187 -13.02 18.93 -2.12
C VAL B 187 -12.97 17.45 -2.54
N PHE B 188 -13.07 16.53 -1.58
CA PHE B 188 -13.09 15.07 -1.82
C PHE B 188 -14.54 14.57 -1.73
N LEU B 189 -14.94 13.80 -2.74
CA LEU B 189 -16.25 13.15 -2.79
C LEU B 189 -16.14 11.77 -3.39
N GLU B 190 -16.79 10.80 -2.75
CA GLU B 190 -17.16 9.55 -3.44
C GLU B 190 -18.40 9.83 -4.28
N PRO B 191 -18.33 9.59 -5.58
CA PRO B 191 -19.58 9.76 -6.34
C PRO B 191 -20.78 8.96 -5.82
N ILE B 192 -20.53 7.78 -5.30
CA ILE B 192 -21.48 6.99 -4.54
C ILE B 192 -20.75 6.57 -3.27
N GLN B 193 -21.27 6.98 -2.12
CA GLN B 193 -20.65 6.62 -0.84
C GLN B 193 -20.84 5.14 -0.64
N GLY B 194 -19.75 4.47 -0.25
CA GLY B 194 -19.78 3.01 -0.13
C GLY B 194 -20.05 2.55 1.29
N GLU B 195 -19.09 2.79 2.17
CA GLU B 195 -19.16 2.28 3.57
C GLU B 195 -20.36 2.80 4.34
N SER B 196 -20.83 3.99 3.98
CA SER B 196 -22.01 4.58 4.62
C SER B 196 -23.34 3.89 4.27
N GLY B 197 -23.32 2.98 3.30
CA GLY B 197 -24.52 2.23 2.91
C GLY B 197 -25.05 2.46 1.50
N ILE B 198 -24.16 2.73 0.55
CA ILE B 198 -24.49 2.91 -0.86
C ILE B 198 -25.42 4.12 -1.08
N VAL B 199 -24.82 5.30 -1.06
CA VAL B 199 -25.56 6.55 -1.15
C VAL B 199 -25.07 7.32 -2.36
N PRO B 200 -25.80 7.23 -3.49
CA PRO B 200 -25.41 8.00 -4.66
C PRO B 200 -25.50 9.48 -4.46
N ALA B 201 -24.53 10.20 -5.00
CA ALA B 201 -24.66 11.66 -5.09
C ALA B 201 -25.80 11.96 -6.05
N THR B 202 -26.44 13.10 -5.84
CA THR B 202 -27.29 13.64 -6.89
C THR B 202 -26.40 14.30 -7.93
N LYS B 203 -26.84 14.29 -9.19
CA LYS B 203 -26.13 15.04 -10.21
C LYS B 203 -26.01 16.51 -9.87
N GLU B 204 -27.07 17.12 -9.32
CA GLU B 204 -27.06 18.51 -8.93
C GLU B 204 -25.91 18.81 -7.96
N PHE B 205 -25.76 17.95 -6.99
CA PHE B 205 -24.72 18.12 -5.96
C PHE B 205 -23.32 18.07 -6.56
N LEU B 206 -23.06 17.08 -7.42
CA LEU B 206 -21.76 17.04 -8.08
C LEU B 206 -21.51 18.23 -8.99
N GLU B 207 -22.53 18.67 -9.73
CA GLU B 207 -22.36 19.84 -10.59
C GLU B 207 -22.01 21.08 -9.75
N GLU B 208 -22.66 21.20 -8.59
CA GLU B 208 -22.39 22.30 -7.69
C GLU B 208 -20.97 22.24 -7.14
N ALA B 209 -20.51 21.05 -6.77
CA ALA B 209 -19.14 20.90 -6.30
C ALA B 209 -18.13 21.32 -7.38
N ARG B 210 -18.40 20.99 -8.63
CA ARG B 210 -17.53 21.37 -9.74
C ARG B 210 -17.50 22.88 -9.89
N LYS B 211 -18.67 23.51 -9.80
CA LYS B 211 -18.74 24.98 -9.94
C LYS B 211 -18.01 25.68 -8.80
N LEU B 212 -18.21 25.17 -7.58
CA LEU B 212 -17.60 25.77 -6.40
C LEU B 212 -16.08 25.62 -6.43
N CYS B 213 -15.58 24.46 -6.86
CA CYS B 213 -14.13 24.28 -6.98
C CYS B 213 -13.53 25.23 -8.01
N ASP B 214 -14.27 25.44 -9.10
CA ASP B 214 -13.85 26.43 -10.11
C ASP B 214 -13.82 27.83 -9.50
N GLU B 215 -14.87 28.19 -8.78
CA GLU B 215 -14.98 29.52 -8.20
C GLU B 215 -13.88 29.84 -7.18
N TYR B 216 -13.59 28.87 -6.30
CA TYR B 216 -12.63 29.05 -5.20
C TYR B 216 -11.23 28.53 -5.53
N ASP B 217 -11.01 28.13 -6.78
CA ASP B 217 -9.72 27.59 -7.24
C ASP B 217 -9.25 26.42 -6.39
N ALA B 218 -10.12 25.44 -6.23
CA ALA B 218 -9.81 24.21 -5.50
C ALA B 218 -9.88 23.03 -6.48
N LEU B 219 -9.21 21.94 -6.13
CA LEU B 219 -9.30 20.72 -6.92
C LEU B 219 -10.49 19.88 -6.50
N LEU B 220 -11.28 19.45 -7.46
CA LEU B 220 -12.33 18.48 -7.20
C LEU B 220 -11.72 17.11 -7.34
N VAL B 221 -11.81 16.33 -6.27
CA VAL B 221 -11.23 14.98 -6.20
C VAL B 221 -12.36 13.96 -6.03
N PHE B 222 -12.51 13.08 -7.01
CA PHE B 222 -13.44 11.97 -6.90
C PHE B 222 -12.72 10.71 -6.50
N ASP B 223 -13.14 10.17 -5.36
CA ASP B 223 -12.65 8.89 -4.86
C ASP B 223 -13.56 7.81 -5.45
N GLU B 224 -13.02 7.13 -6.46
CA GLU B 224 -13.74 6.04 -7.16
C GLU B 224 -13.09 4.70 -6.86
N VAL B 225 -12.43 4.60 -5.70
CA VAL B 225 -11.88 3.33 -5.24
C VAL B 225 -12.93 2.19 -5.22
N GLN B 226 -14.12 2.49 -4.73
CA GLN B 226 -15.19 1.49 -4.62
C GLN B 226 -16.14 1.52 -5.81
N CYS B 227 -16.50 2.70 -6.31
CA CYS B 227 -17.48 2.78 -7.42
C CYS B 227 -16.88 2.72 -8.82
N GLY B 228 -15.55 2.72 -8.96
CA GLY B 228 -14.89 2.79 -10.26
C GLY B 228 -14.62 1.42 -10.90
N MSE B 229 -13.86 1.43 -11.97
CA MSE B 229 -13.47 0.24 -12.72
C MSE B 229 -14.71 -0.64 -13.09
O MSE B 229 -14.75 -1.84 -12.83
CB MSE B 229 -12.31 -0.49 -12.01
CG MSE B 229 -10.91 0.30 -12.09
SE MSE B 229 -10.39 0.83 -13.78
CE MSE B 229 -9.96 -0.77 -14.47
N GLY B 230 -15.70 0.02 -13.69
CA GLY B 230 -16.78 -0.64 -14.38
C GLY B 230 -18.04 -0.90 -13.57
N ARG B 231 -17.98 -0.69 -12.28
CA ARG B 231 -19.04 -1.22 -11.42
C ARG B 231 -20.39 -0.55 -11.63
N THR B 232 -20.40 0.73 -12.05
CA THR B 232 -21.66 1.45 -12.22
C THR B 232 -22.27 1.25 -13.64
N GLY B 233 -21.57 0.53 -14.51
CA GLY B 233 -21.98 0.35 -15.90
C GLY B 233 -21.24 1.24 -16.88
N LYS B 234 -20.45 2.18 -16.36
CA LYS B 234 -19.45 2.91 -17.15
C LYS B 234 -18.09 2.66 -16.46
N LEU B 235 -16.98 2.97 -17.09
CA LEU B 235 -15.70 2.65 -16.46
C LEU B 235 -15.59 3.37 -15.11
N PHE B 236 -16.02 4.63 -15.06
CA PHE B 236 -16.06 5.37 -13.80
C PHE B 236 -17.39 6.05 -13.65
N ALA B 237 -17.83 6.11 -12.42
CA ALA B 237 -19.07 6.80 -12.10
C ALA B 237 -19.15 8.23 -12.63
N TYR B 238 -18.06 8.98 -12.59
CA TYR B 238 -18.10 10.36 -13.06
C TYR B 238 -18.61 10.42 -14.51
N GLN B 239 -18.40 9.36 -15.28
CA GLN B 239 -18.83 9.30 -16.68
C GLN B 239 -20.34 9.08 -16.78
N LYS B 240 -20.95 8.43 -15.80
CA LYS B 240 -22.41 8.31 -15.73
C LYS B 240 -23.00 9.67 -15.37
N TYR B 241 -22.39 10.37 -14.43
CA TYR B 241 -22.89 11.67 -13.97
C TYR B 241 -22.59 12.81 -14.94
N GLY B 242 -21.57 12.68 -15.77
CA GLY B 242 -21.13 13.76 -16.64
C GLY B 242 -20.50 14.94 -15.93
N VAL B 243 -19.84 14.70 -14.81
CA VAL B 243 -19.13 15.76 -14.08
C VAL B 243 -17.69 15.30 -13.96
N VAL B 244 -16.77 16.14 -14.41
CA VAL B 244 -15.38 15.73 -14.55
C VAL B 244 -14.54 16.34 -13.45
N PRO B 245 -13.87 15.49 -12.64
CA PRO B 245 -13.04 16.01 -11.57
C PRO B 245 -11.67 16.46 -12.09
N ASP B 246 -10.91 17.15 -11.25
CA ASP B 246 -9.48 17.43 -11.52
C ASP B 246 -8.59 16.25 -11.21
N VAL B 247 -8.99 15.46 -10.21
CA VAL B 247 -8.21 14.33 -9.70
C VAL B 247 -9.17 13.16 -9.48
N LEU B 248 -8.76 11.97 -9.93
CA LEU B 248 -9.53 10.75 -9.74
C LEU B 248 -8.65 9.72 -9.08
N THR B 249 -9.16 9.08 -8.03
CA THR B 249 -8.47 7.98 -7.40
C THR B 249 -9.24 6.67 -7.63
N THR B 250 -8.46 5.61 -7.79
CA THR B 250 -8.97 4.29 -8.14
C THR B 250 -8.07 3.23 -7.47
N ALA B 251 -8.66 2.10 -7.12
CA ALA B 251 -7.92 0.95 -6.62
C ALA B 251 -8.88 -0.23 -6.69
N LYS B 252 -8.92 -1.07 -5.66
CA LYS B 252 -9.87 -2.20 -5.64
C LYS B 252 -9.90 -2.96 -6.95
N GLY B 253 -10.94 -2.79 -7.76
CA GLY B 253 -11.08 -3.56 -8.99
C GLY B 253 -10.04 -3.31 -10.10
N LEU B 254 -9.22 -2.26 -9.95
CA LEU B 254 -8.22 -1.94 -10.95
C LEU B 254 -7.32 -3.13 -11.27
N GLY B 255 -7.00 -3.93 -10.26
CA GLY B 255 -6.11 -5.05 -10.45
C GLY B 255 -6.77 -6.44 -10.42
N GLY B 256 -8.09 -6.48 -10.34
CA GLY B 256 -8.83 -7.74 -10.34
C GLY B 256 -8.52 -8.69 -9.18
N GLY B 257 -7.92 -8.16 -8.11
CA GLY B 257 -7.47 -8.95 -6.98
C GLY B 257 -6.00 -8.70 -6.61
N VAL B 258 -5.18 -8.25 -7.56
CA VAL B 258 -3.79 -7.90 -7.29
C VAL B 258 -3.76 -6.48 -6.72
N PRO B 259 -3.04 -6.25 -5.62
CA PRO B 259 -3.03 -4.91 -5.06
C PRO B 259 -2.42 -3.86 -6.01
N ILE B 260 -3.20 -2.80 -6.24
CA ILE B 260 -2.77 -1.65 -7.02
C ILE B 260 -3.72 -0.50 -6.73
N GLY B 261 -3.20 0.72 -6.83
CA GLY B 261 -4.03 1.94 -6.80
C GLY B 261 -3.45 2.92 -7.76
N ALA B 262 -4.26 3.92 -8.10
CA ALA B 262 -3.81 5.00 -9.02
C ALA B 262 -4.49 6.31 -8.76
N VAL B 263 -3.79 7.38 -9.16
CA VAL B 263 -4.34 8.73 -9.16
C VAL B 263 -4.14 9.24 -10.54
N ILE B 264 -5.20 9.86 -11.08
CA ILE B 264 -5.19 10.46 -12.40
C ILE B 264 -5.45 11.95 -12.24
N VAL B 265 -4.63 12.78 -12.87
CA VAL B 265 -4.75 14.24 -12.75
C VAL B 265 -4.87 14.89 -14.12
N ASN B 266 -5.66 15.96 -14.17
CA ASN B 266 -5.59 16.85 -15.33
C ASN B 266 -4.33 17.72 -15.29
N GLU B 267 -4.15 18.60 -16.28
CA GLU B 267 -2.95 19.41 -16.28
C GLU B 267 -2.93 20.41 -15.13
N ARG B 268 -4.10 20.92 -14.76
CA ARG B 268 -4.20 21.86 -13.67
C ARG B 268 -3.63 21.24 -12.38
N ALA B 269 -3.92 19.97 -12.16
CA ALA B 269 -3.50 19.28 -10.96
C ALA B 269 -2.15 18.56 -11.09
N ASN B 270 -1.46 18.75 -12.21
CA ASN B 270 -0.19 18.09 -12.47
C ASN B 270 0.93 18.93 -11.87
N VAL B 271 1.15 18.79 -10.58
CA VAL B 271 2.00 19.73 -9.84
C VAL B 271 3.14 19.09 -9.08
N LEU B 272 3.12 17.75 -8.92
CA LEU B 272 4.21 17.09 -8.21
C LEU B 272 5.49 17.13 -9.02
N GLU B 273 6.60 17.24 -8.31
CA GLU B 273 7.95 17.25 -8.88
C GLU B 273 8.74 16.08 -8.34
N PRO B 274 9.85 15.70 -9.03
CA PRO B 274 10.63 14.61 -8.53
C PRO B 274 11.06 14.81 -7.09
N GLY B 275 10.84 13.75 -6.30
CA GLY B 275 11.16 13.78 -4.90
C GLY B 275 10.01 14.13 -3.98
N ASP B 276 8.96 14.73 -4.53
CA ASP B 276 7.79 15.12 -3.72
C ASP B 276 7.02 13.95 -3.17
N HIS B 277 6.95 12.86 -3.95
CA HIS B 277 6.15 11.72 -3.55
C HIS B 277 6.67 10.52 -4.33
N GLY B 278 6.46 9.34 -3.76
CA GLY B 278 6.93 8.08 -4.38
C GLY B 278 6.52 6.90 -3.55
N THR B 279 6.84 5.73 -4.05
CA THR B 279 6.49 4.46 -3.43
C THR B 279 7.42 3.38 -4.02
N THR B 280 7.88 2.45 -3.17
CA THR B 280 8.75 1.34 -3.60
C THR B 280 8.01 0.45 -4.60
N PHE B 281 6.88 -0.07 -4.14
CA PHE B 281 6.16 -1.08 -4.91
C PHE B 281 5.26 -0.50 -6.00
N GLY B 282 4.79 0.75 -5.85
CA GLY B 282 3.79 1.29 -6.77
C GLY B 282 4.28 1.30 -8.22
N GLY B 283 3.45 0.78 -9.13
CA GLY B 283 3.78 0.79 -10.53
C GLY B 283 4.60 -0.41 -10.96
N ASN B 284 4.74 -1.41 -10.09
CA ASN B 284 5.50 -2.62 -10.44
C ASN B 284 4.87 -3.33 -11.62
N PRO B 285 5.69 -4.05 -12.39
CA PRO B 285 5.13 -4.71 -13.57
C PRO B 285 4.10 -5.78 -13.33
N LEU B 286 4.17 -6.54 -12.25
CA LEU B 286 3.18 -7.56 -11.99
C LEU B 286 1.78 -6.98 -11.79
N ALA B 287 1.67 -6.02 -10.88
CA ALA B 287 0.38 -5.39 -10.60
C ALA B 287 -0.11 -4.61 -11.82
N CYS B 288 0.79 -3.91 -12.51
CA CYS B 288 0.33 -3.16 -13.67
C CYS B 288 -0.11 -4.09 -14.80
N ARG B 289 0.53 -5.24 -14.94
CA ARG B 289 0.09 -6.24 -15.91
C ARG B 289 -1.35 -6.68 -15.61
N ALA B 290 -1.64 -6.94 -14.34
CA ALA B 290 -3.01 -7.26 -13.92
C ALA B 290 -3.97 -6.12 -14.33
N GLY B 291 -3.60 -4.88 -14.04
CA GLY B 291 -4.39 -3.73 -14.43
C GLY B 291 -4.64 -3.59 -15.92
N VAL B 292 -3.61 -3.83 -16.74
CA VAL B 292 -3.79 -3.81 -18.20
C VAL B 292 -4.82 -4.86 -18.61
N THR B 293 -4.71 -6.04 -18.02
CA THR B 293 -5.61 -7.14 -18.37
C THR B 293 -7.05 -6.81 -18.03
N VAL B 294 -7.23 -6.21 -16.87
CA VAL B 294 -8.55 -5.82 -16.40
C VAL B 294 -9.14 -4.72 -17.27
N ILE B 295 -8.39 -3.66 -17.53
CA ILE B 295 -8.96 -2.55 -18.30
C ILE B 295 -9.25 -2.98 -19.74
N LYS B 296 -8.42 -3.85 -20.31
CA LYS B 296 -8.71 -4.37 -21.64
C LYS B 296 -9.99 -5.19 -21.64
N GLU B 297 -10.22 -5.99 -20.61
CA GLU B 297 -11.48 -6.76 -20.52
C GLU B 297 -12.70 -5.85 -20.40
N LEU B 298 -12.61 -4.85 -19.51
CA LEU B 298 -13.74 -3.96 -19.27
C LEU B 298 -14.10 -3.09 -20.45
N THR B 299 -13.10 -2.72 -21.22
CA THR B 299 -13.30 -1.87 -22.39
C THR B 299 -13.60 -2.60 -23.71
N LYS B 300 -13.69 -3.91 -23.67
CA LYS B 300 -14.10 -4.68 -24.84
C LYS B 300 -15.49 -4.26 -25.24
N GLU B 301 -15.76 -4.28 -26.55
CA GLU B 301 -17.05 -3.91 -27.11
C GLU B 301 -18.17 -4.68 -26.39
N GLY B 302 -19.10 -3.93 -25.81
CA GLY B 302 -20.28 -4.50 -25.18
C GLY B 302 -20.17 -4.90 -23.73
N PHE B 303 -18.97 -4.93 -23.17
CA PHE B 303 -18.80 -5.44 -21.79
C PHE B 303 -19.57 -4.59 -20.81
N LEU B 304 -19.31 -3.29 -20.84
CA LEU B 304 -19.91 -2.39 -19.87
C LEU B 304 -21.42 -2.24 -20.08
N GLU B 305 -21.86 -2.26 -21.34
CA GLU B 305 -23.29 -2.25 -21.63
C GLU B 305 -23.98 -3.46 -21.01
N GLU B 306 -23.34 -4.61 -21.04
CA GLU B 306 -23.89 -5.79 -20.36
C GLU B 306 -23.87 -5.70 -18.80
N VAL B 307 -22.86 -5.05 -18.23
CA VAL B 307 -22.88 -4.75 -16.81
C VAL B 307 -24.08 -3.88 -16.50
N GLU B 308 -24.35 -2.87 -17.31
CA GLU B 308 -25.53 -2.05 -17.11
C GLU B 308 -26.82 -2.88 -17.15
N GLU B 309 -26.95 -3.78 -18.11
CA GLU B 309 -28.15 -4.62 -18.20
C GLU B 309 -28.31 -5.51 -16.98
N LYS B 310 -27.20 -6.10 -16.53
CA LYS B 310 -27.24 -6.92 -15.32
C LYS B 310 -27.61 -6.13 -14.07
N GLY B 311 -27.05 -4.92 -13.96
CA GLY B 311 -27.41 -4.01 -12.87
C GLY B 311 -28.90 -3.71 -12.87
N ASN B 312 -29.44 -3.45 -14.05
CA ASN B 312 -30.88 -3.14 -14.19
C ASN B 312 -31.74 -4.34 -13.79
N TYR B 313 -31.29 -5.52 -14.21
CA TYR B 313 -31.97 -6.75 -13.87
CA TYR B 313 -31.94 -6.82 -13.87
C TYR B 313 -31.95 -7.04 -12.36
N LEU B 314 -30.77 -6.92 -11.73
CA LEU B 314 -30.67 -7.09 -10.29
C LEU B 314 -31.55 -6.06 -9.54
N MSE B 315 -31.45 -4.80 -9.96
CA MSE B 315 -32.21 -3.71 -9.28
C MSE B 315 -33.71 -4.00 -9.36
O MSE B 315 -34.45 -3.78 -8.40
CB MSE B 315 -31.87 -2.35 -9.89
CG MSE B 315 -32.60 -1.19 -9.20
SE MSE B 315 -32.19 -1.07 -7.29
CE MSE B 315 -30.62 -0.24 -7.44
N LYS B 316 -34.18 -4.46 -10.54
CA LYS B 316 -35.60 -4.80 -10.69
C LYS B 316 -36.03 -5.86 -9.69
N LYS B 317 -35.27 -6.93 -9.59
CA LYS B 317 -35.58 -8.00 -8.65
CA LYS B 317 -35.58 -8.01 -8.65
C LYS B 317 -35.57 -7.50 -7.20
N LEU B 318 -34.59 -6.66 -6.88
CA LEU B 318 -34.53 -6.13 -5.50
C LEU B 318 -35.64 -5.14 -5.19
N GLN B 319 -36.05 -4.38 -6.20
CA GLN B 319 -37.18 -3.44 -6.02
C GLN B 319 -38.49 -4.21 -5.77
N GLU B 320 -38.70 -5.29 -6.51
CA GLU B 320 -39.85 -6.18 -6.27
C GLU B 320 -39.80 -6.73 -4.84
N MSE B 321 -38.63 -7.19 -4.43
CA MSE B 321 -38.42 -7.67 -3.06
C MSE B 321 -38.75 -6.58 -2.03
O MSE B 321 -39.42 -6.83 -1.03
CB MSE B 321 -36.97 -8.13 -2.89
CG MSE B 321 -36.68 -8.75 -1.54
SE MSE B 321 -34.83 -9.23 -1.29
CE MSE B 321 -34.18 -7.52 -0.97
N LYS B 322 -38.29 -5.36 -2.28
CA LYS B 322 -38.55 -4.26 -1.36
C LYS B 322 -40.05 -4.06 -1.19
N GLU B 323 -40.78 -4.07 -2.30
CA GLU B 323 -42.22 -3.86 -2.25
C GLU B 323 -42.87 -4.95 -1.45
N GLU B 324 -42.40 -6.17 -1.65
CA GLU B 324 -42.98 -7.38 -1.06
C GLU B 324 -42.63 -7.61 0.41
N TYR B 325 -41.41 -7.26 0.84
CA TYR B 325 -40.94 -7.54 2.19
C TYR B 325 -40.92 -6.27 3.06
N ASP B 326 -41.76 -6.23 4.09
CA ASP B 326 -41.86 -5.05 4.94
C ASP B 326 -40.54 -4.75 5.67
N VAL B 327 -39.72 -5.77 5.92
CA VAL B 327 -38.43 -5.55 6.61
C VAL B 327 -37.40 -4.82 5.74
N VAL B 328 -37.61 -4.79 4.43
CA VAL B 328 -36.74 -4.05 3.50
C VAL B 328 -37.26 -2.62 3.35
N ALA B 329 -36.50 -1.68 3.88
CA ALA B 329 -36.85 -0.26 3.85
C ALA B 329 -36.43 0.44 2.56
N ASP B 330 -35.30 0.06 1.98
CA ASP B 330 -34.83 0.75 0.79
C ASP B 330 -33.83 -0.10 0.01
N VAL B 331 -33.76 0.13 -1.29
CA VAL B 331 -32.73 -0.48 -2.12
C VAL B 331 -32.20 0.64 -2.98
N ARG B 332 -30.89 0.76 -3.07
CA ARG B 332 -30.30 1.84 -3.83
C ARG B 332 -28.96 1.48 -4.41
N GLY B 333 -28.52 2.31 -5.36
CA GLY B 333 -27.24 2.12 -6.00
C GLY B 333 -27.26 2.33 -7.49
N MSE B 334 -26.27 1.77 -8.16
CA MSE B 334 -26.05 2.05 -9.56
C MSE B 334 -25.27 0.87 -10.08
O MSE B 334 -24.36 0.40 -9.41
CB MSE B 334 -25.23 3.34 -9.69
CG MSE B 334 -25.25 3.90 -11.08
SE MSE B 334 -24.29 5.60 -11.22
CE MSE B 334 -25.34 6.61 -10.12
N GLY B 335 -25.65 0.36 -11.23
CA GLY B 335 -24.96 -0.78 -11.80
C GLY B 335 -24.96 -1.95 -10.83
N LEU B 336 -23.78 -2.54 -10.62
CA LEU B 336 -23.63 -3.64 -9.68
C LEU B 336 -23.04 -3.23 -8.33
N MSE B 337 -23.35 -1.99 -7.92
CA MSE B 337 -23.05 -1.51 -6.58
C MSE B 337 -24.39 -1.18 -5.92
O MSE B 337 -24.98 -0.15 -6.22
CB MSE B 337 -22.20 -0.26 -6.67
CG MSE B 337 -21.92 0.38 -5.35
SE MSE B 337 -20.55 1.77 -5.51
CE MSE B 337 -20.20 2.32 -3.72
N ILE B 338 -24.89 -2.08 -5.10
CA ILE B 338 -26.25 -1.99 -4.60
C ILE B 338 -26.28 -2.20 -3.10
N GLY B 339 -27.03 -1.35 -2.41
CA GLY B 339 -27.27 -1.50 -0.98
C GLY B 339 -28.71 -1.77 -0.68
N ILE B 340 -28.93 -2.67 0.28
CA ILE B 340 -30.24 -3.08 0.73
C ILE B 340 -30.32 -2.67 2.21
N GLN B 341 -31.20 -1.72 2.53
CA GLN B 341 -31.39 -1.24 3.90
C GLN B 341 -32.62 -1.87 4.56
N PHE B 342 -32.44 -2.33 5.80
CA PHE B 342 -33.50 -2.97 6.57
C PHE B 342 -34.11 -2.01 7.58
N ARG B 343 -35.36 -2.28 7.92
CA ARG B 343 -35.99 -1.55 9.02
C ARG B 343 -35.17 -1.72 10.28
N GLU B 344 -35.22 -0.72 11.16
CA GLU B 344 -34.40 -0.69 12.37
C GLU B 344 -34.52 -1.93 13.24
N GLU B 345 -35.66 -2.61 13.21
CA GLU B 345 -35.90 -3.77 14.07
C GLU B 345 -35.12 -5.00 13.64
N VAL B 346 -34.57 -4.95 12.43
CA VAL B 346 -33.83 -6.07 11.84
C VAL B 346 -32.38 -5.65 11.73
N SER B 347 -31.49 -6.49 12.25
CA SER B 347 -30.07 -6.20 12.23
C SER B 347 -29.43 -6.60 10.90
N ASN B 348 -28.82 -5.64 10.23
CA ASN B 348 -28.07 -5.94 9.00
C ASN B 348 -27.00 -7.01 9.20
N ARG B 349 -26.37 -7.00 10.37
CA ARG B 349 -25.38 -8.02 10.69
C ARG B 349 -25.99 -9.42 10.89
N GLU B 350 -27.19 -9.49 11.48
CA GLU B 350 -27.86 -10.77 11.60
C GLU B 350 -28.24 -11.27 10.20
N VAL B 351 -28.69 -10.36 9.32
CA VAL B 351 -29.06 -10.77 7.95
C VAL B 351 -27.82 -11.35 7.26
N ALA B 352 -26.68 -10.70 7.42
CA ALA B 352 -25.45 -11.14 6.77
C ALA B 352 -24.98 -12.48 7.31
N THR B 353 -25.12 -12.69 8.61
CA THR B 353 -24.80 -13.99 9.21
C THR B 353 -25.71 -15.09 8.68
N LYS B 354 -26.99 -14.81 8.61
CA LYS B 354 -27.92 -15.82 8.09
C LYS B 354 -27.68 -16.08 6.59
N CYS B 355 -27.33 -15.06 5.81
CA CYS B 355 -26.93 -15.30 4.43
C CYS B 355 -25.74 -16.25 4.38
N PHE B 356 -24.75 -15.97 5.21
CA PHE B 356 -23.53 -16.80 5.30
C PHE B 356 -23.87 -18.24 5.64
N GLU B 357 -24.78 -18.43 6.60
CA GLU B 357 -25.24 -19.77 6.95
C GLU B 357 -25.90 -20.47 5.76
N ASN B 358 -26.45 -19.71 4.83
CA ASN B 358 -27.09 -20.23 3.63
C ASN B 358 -26.24 -20.08 2.36
N LYS B 359 -24.94 -19.91 2.58
CA LYS B 359 -23.93 -19.97 1.53
C LYS B 359 -23.98 -18.78 0.57
N LEU B 360 -24.45 -17.64 1.05
CA LEU B 360 -24.39 -16.39 0.29
C LEU B 360 -23.58 -15.39 1.09
N LEU B 361 -22.60 -14.78 0.44
CA LEU B 361 -21.70 -13.81 1.09
C LEU B 361 -22.09 -12.40 0.66
N VAL B 362 -22.34 -11.55 1.64
CA VAL B 362 -22.69 -10.13 1.41
C VAL B 362 -21.88 -9.26 2.37
N VAL B 363 -21.82 -7.95 2.10
CA VAL B 363 -20.93 -7.05 2.91
C VAL B 363 -21.78 -6.03 3.69
N PRO B 364 -21.84 -6.15 5.02
CA PRO B 364 -22.51 -5.10 5.79
C PRO B 364 -21.95 -3.69 5.57
N ALA B 365 -22.82 -2.69 5.67
CA ALA B 365 -22.38 -1.30 5.61
C ALA B 365 -23.27 -0.46 6.53
N GLY B 366 -23.02 0.84 6.53
CA GLY B 366 -23.78 1.75 7.39
C GLY B 366 -25.23 1.88 7.01
N ASN B 367 -25.96 2.68 7.79
CA ASN B 367 -27.39 2.85 7.57
C ASN B 367 -28.14 1.51 7.57
N ASN B 368 -27.69 0.56 8.38
CA ASN B 368 -28.36 -0.76 8.53
C ASN B 368 -28.52 -1.48 7.21
N THR B 369 -27.45 -1.47 6.41
CA THR B 369 -27.48 -2.10 5.09
C THR B 369 -26.62 -3.32 4.96
N ILE B 370 -26.97 -4.14 3.97
CA ILE B 370 -26.00 -5.05 3.36
C ILE B 370 -25.74 -4.61 1.90
N ARG B 371 -24.54 -4.91 1.42
CA ARG B 371 -24.16 -4.57 0.07
C ARG B 371 -24.10 -5.83 -0.79
N PHE B 372 -24.69 -5.73 -1.98
CA PHE B 372 -24.45 -6.70 -3.06
C PHE B 372 -23.39 -6.12 -3.96
N LEU B 373 -22.20 -6.74 -3.98
CA LEU B 373 -21.06 -6.33 -4.78
C LEU B 373 -20.58 -7.56 -5.54
N PRO B 374 -21.43 -8.10 -6.42
CA PRO B 374 -20.93 -9.25 -7.15
C PRO B 374 -19.84 -8.90 -8.15
N PRO B 375 -19.09 -9.92 -8.65
CA PRO B 375 -18.19 -9.67 -9.75
C PRO B 375 -18.96 -9.11 -10.95
N LEU B 376 -18.30 -8.33 -11.82
CA LEU B 376 -19.03 -7.77 -12.94
C LEU B 376 -19.35 -8.83 -14.00
N THR B 377 -18.69 -9.97 -13.87
CA THR B 377 -18.96 -11.16 -14.71
C THR B 377 -20.06 -12.07 -14.18
N VAL B 378 -20.72 -11.67 -13.10
CA VAL B 378 -21.79 -12.42 -12.48
C VAL B 378 -22.82 -12.79 -13.56
N GLU B 379 -23.33 -14.01 -13.47
CA GLU B 379 -24.31 -14.50 -14.44
C GLU B 379 -25.74 -14.10 -13.99
N TYR B 380 -26.66 -13.99 -14.96
CA TYR B 380 -28.07 -13.70 -14.61
C TYR B 380 -28.60 -14.73 -13.59
N GLY B 381 -28.30 -16.01 -13.81
CA GLY B 381 -28.79 -17.03 -12.89
C GLY B 381 -28.23 -16.91 -11.48
N GLU B 382 -26.99 -16.45 -11.40
CA GLU B 382 -26.34 -16.20 -10.10
C GLU B 382 -27.02 -15.05 -9.37
N ILE B 383 -27.37 -14.01 -10.11
CA ILE B 383 -28.16 -12.92 -9.56
C ILE B 383 -29.46 -13.46 -8.96
N ASP B 384 -30.20 -14.25 -9.73
CA ASP B 384 -31.44 -14.79 -9.23
CA ASP B 384 -31.45 -14.79 -9.19
C ASP B 384 -31.22 -15.66 -7.98
N LEU B 385 -30.18 -16.50 -8.02
CA LEU B 385 -29.89 -17.35 -6.89
C LEU B 385 -29.62 -16.51 -5.61
N ALA B 386 -28.86 -15.45 -5.72
CA ALA B 386 -28.57 -14.57 -4.56
C ALA B 386 -29.87 -13.95 -4.02
N VAL B 387 -30.69 -13.41 -4.90
CA VAL B 387 -31.94 -12.78 -4.49
C VAL B 387 -32.85 -13.83 -3.80
N GLU B 388 -32.99 -15.02 -4.38
CA GLU B 388 -33.83 -16.06 -3.79
C GLU B 388 -33.33 -16.48 -2.41
N THR B 389 -32.02 -16.57 -2.25
CA THR B 389 -31.40 -16.92 -0.97
C THR B 389 -31.68 -15.85 0.08
N LEU B 390 -31.52 -14.58 -0.31
CA LEU B 390 -31.81 -13.47 0.59
C LEU B 390 -33.27 -13.51 1.02
N LYS B 391 -34.17 -13.73 0.07
CA LYS B 391 -35.58 -13.77 0.38
C LYS B 391 -35.88 -14.88 1.40
N LYS B 392 -35.27 -16.04 1.23
CA LYS B 392 -35.47 -17.14 2.18
C LYS B 392 -34.98 -16.75 3.58
N VAL B 393 -33.85 -16.05 3.63
CA VAL B 393 -33.35 -15.53 4.89
C VAL B 393 -34.34 -14.57 5.54
N LEU B 394 -34.88 -13.65 4.76
CA LEU B 394 -35.77 -12.64 5.32
C LEU B 394 -37.10 -13.24 5.75
N GLN B 395 -37.47 -14.36 5.15
CA GLN B 395 -38.70 -15.08 5.54
C GLN B 395 -38.59 -15.66 6.94
N GLY B 396 -37.40 -16.03 7.37
CA GLY B 396 -37.22 -16.50 8.75
C GLY B 396 -36.62 -15.52 9.74
N ILE B 397 -36.44 -14.26 9.34
CA ILE B 397 -35.74 -13.29 10.20
C ILE B 397 -36.73 -12.76 11.24
N1 PLP C . 10.75 2.81 5.98
C2 PLP C . 12.00 2.65 5.48
C2A PLP C . 13.16 2.47 6.43
C3 PLP C . 12.18 2.65 4.09
O3 PLP C . 13.46 2.64 3.59
C4 PLP C . 11.09 2.80 3.22
C4A PLP C . 11.29 2.89 1.73
O4A PLP C . 11.95 3.82 1.28
C5 PLP C . 9.81 2.97 3.76
C6 PLP C . 9.65 2.95 5.14
C5A PLP C . 8.60 3.19 2.87
O4P PLP C . 8.25 1.94 2.29
P PLP C . 7.21 1.91 1.03
O1P PLP C . 7.94 2.64 -0.12
O2P PLP C . 5.99 2.68 1.34
O3P PLP C . 7.04 0.41 0.78
C1 GOL D . 22.19 -19.52 0.19
C2 GOL D . 22.62 -18.42 -0.76
O2 GOL D . 23.80 -18.83 -1.38
C3 GOL D . 22.88 -17.14 0.03
O3 GOL D . 23.47 -16.17 -0.82
C1 GOL E . -6.80 -5.85 22.51
O1 GOL E . -7.97 -5.52 23.25
C2 GOL E . -7.11 -7.00 21.56
O2 GOL E . -8.17 -6.65 20.69
C3 GOL E . -7.49 -8.24 22.36
O3 GOL E . -7.42 -9.40 21.56
C1 GOL F . 17.18 1.27 -22.64
O1 GOL F . 15.81 0.98 -22.45
C2 GOL F . 17.63 0.88 -24.07
O2 GOL F . 16.90 1.62 -25.03
C3 GOL F . 19.12 1.13 -24.31
O3 GOL F . 19.56 2.31 -23.66
C1 GOL G . 14.14 -10.18 -22.69
C2 GOL G . 15.28 -11.15 -22.44
O2 GOL G . 16.50 -10.53 -22.78
C3 GOL G . 15.05 -12.42 -23.26
O3 GOL G . 13.86 -13.09 -22.88
C1 GOL H . 19.12 9.09 -9.59
O1 GOL H . 18.21 8.07 -9.22
C2 GOL H . 19.60 8.79 -10.99
O2 GOL H . 18.57 9.18 -11.87
C3 GOL H . 20.89 9.53 -11.35
O3 GOL H . 21.91 9.32 -10.40
C1 GOL I . 29.72 -6.16 -17.42
O1 GOL I . 28.88 -7.30 -17.55
C2 GOL I . 29.85 -5.70 -15.97
O2 GOL I . 30.59 -4.51 -15.91
C3 GOL I . 28.50 -5.43 -15.30
O3 GOL I . 27.46 -5.89 -16.13
C1 GOL J . 28.33 -9.78 -19.95
O1 GOL J . 27.01 -9.38 -19.65
C2 GOL J . 28.37 -10.89 -21.01
O2 GOL J . 27.11 -11.11 -21.60
C3 GOL J . 28.87 -12.22 -20.46
O3 GOL J . 28.11 -13.26 -21.05
C1 GOL K . 43.11 5.08 -7.13
O1 GOL K . 44.16 5.99 -6.89
C2 GOL K . 43.44 4.20 -8.33
O2 GOL K . 44.02 4.98 -9.35
C3 GOL K . 44.36 3.06 -7.91
O3 GOL K . 44.71 2.27 -9.02
C1 GOL L . 20.50 -23.19 1.84
O1 GOL L . 20.55 -24.38 1.06
C2 GOL L . 21.89 -22.71 2.29
O2 GOL L . 22.35 -21.70 1.43
C3 GOL L . 22.96 -23.81 2.29
O3 GOL L . 24.08 -23.42 3.07
C1 GOL M . -6.53 14.06 22.09
O1 GOL M . -5.62 13.23 22.81
C2 GOL M . -5.74 14.99 21.17
O2 GOL M . -6.56 15.43 20.11
C3 GOL M . -5.23 16.20 21.96
O3 GOL M . -4.56 17.10 21.11
C1 GOL N . 26.98 -3.85 17.14
O1 GOL N . 27.16 -4.76 18.21
C2 GOL N . 26.43 -4.58 15.93
O2 GOL N . 25.48 -5.53 16.36
C3 GOL N . 27.56 -5.30 15.20
O3 GOL N . 27.06 -6.43 14.51
N1 PLP O . -11.95 4.92 -0.54
C2 PLP O . -13.11 4.20 -0.64
C2A PLP O . -14.33 4.88 -1.21
C3 PLP O . -13.13 2.84 -0.25
O3 PLP O . -14.33 2.21 -0.17
C4 PLP O . -11.95 2.25 0.28
C4A PLP O . -12.02 0.90 0.95
O4A PLP O . -12.76 0.74 1.92
C5 PLP O . -10.78 3.01 0.38
C6 PLP O . -10.76 4.33 -0.04
C5A PLP O . -9.54 2.45 1.08
O4P PLP O . -8.98 1.50 0.20
P PLP O . -7.80 0.53 0.76
O1P PLP O . -6.73 1.32 1.40
O2P PLP O . -7.37 -0.22 -0.51
O3P PLP O . -8.45 -0.48 1.73
C1 GOL P . -20.44 -8.91 -18.17
O1 GOL P . -21.07 -9.56 -17.08
C2 GOL P . -20.23 -9.91 -19.31
O2 GOL P . -19.57 -11.05 -18.84
C3 GOL P . -19.37 -9.28 -20.40
O3 GOL P . -19.83 -9.55 -21.72
C1 GOL Q . -8.99 -12.71 18.53
O1 GOL Q . -9.39 -13.57 19.57
C2 GOL Q . -8.19 -13.51 17.51
O2 GOL Q . -7.14 -14.18 18.21
C3 GOL Q . -7.71 -12.54 16.41
O3 GOL Q . -7.16 -13.16 15.27
C1 GOL R . -19.92 -8.10 10.31
O1 GOL R . -20.95 -8.82 10.95
C2 GOL R . -19.30 -8.97 9.22
O2 GOL R . -18.02 -8.46 8.89
C3 GOL R . -19.20 -10.43 9.66
O3 GOL R . -19.07 -10.53 11.06
C1 GOL S . -12.67 -26.74 -3.18
O1 GOL S . -12.77 -28.05 -2.65
C2 GOL S . -11.95 -26.78 -4.51
O2 GOL S . -12.91 -27.02 -5.51
C3 GOL S . -10.86 -27.85 -4.53
O3 GOL S . -9.92 -27.58 -5.55
C1 GOL T . -19.68 -28.03 -4.07
O1 GOL T . -21.05 -28.19 -3.77
C2 GOL T . -19.06 -29.40 -4.25
O2 GOL T . -19.80 -30.12 -5.21
C3 GOL T . -17.61 -29.25 -4.71
O3 GOL T . -16.82 -28.79 -3.63
C1 GOL U . -0.86 13.68 -23.16
O1 GOL U . -1.66 12.92 -24.03
C2 GOL U . -0.92 13.05 -21.76
O2 GOL U . -2.04 12.20 -21.67
C3 GOL U . -1.04 14.13 -20.69
O3 GOL U . 0.23 14.67 -20.41
#